data_4B3O
#
_entry.id   4B3O
#
_cell.length_a   164.598
_cell.length_b   164.598
_cell.length_c   129.030
_cell.angle_alpha   90.00
_cell.angle_beta   90.00
_cell.angle_gamma   120.00
#
_symmetry.space_group_name_H-M   'P 31 2 1'
#
loop_
_entity.id
_entity.type
_entity.pdbx_description
1 polymer 'REVERSE TRANSCRIPTASE/RIBONUCLEASE H'
2 polymer 'P51 RT'
3 polymer "5'-D(*CP*GP*TP*AP*TP*GP*CP*CP*TP*AP*TP*AP*GP*TP *TP*AP*TP*TP*GP*TP*GP*GP*CP*C)-3'"
4 polymer "5'-R(*AP*UP*GP*AP*3DRP*GP*GP*CP*CP*AP*CP*AP*AP*UP*AP *AP*CP*UP*AP*UP*AP*GP*GP*CP*AP*UP*A)-3'"
5 non-polymer (-)-6-CHLORO-4-CYCLOPROPYLETHYNYL-4-TRIFLUOROMETHYL-1,4-DIHYDRO-2H-3,1-BENZOXAZIN-2-ONE
6 non-polymer 'CALCIUM ION'
#
loop_
_entity_poly.entity_id
_entity_poly.type
_entity_poly.pdbx_seq_one_letter_code
_entity_poly.pdbx_strand_id
1 'polypeptide(L)'
;PISPIETVPVKLKPGMDGPKVKQWPLTEEKIKALVEICTEMEKEGKISKIGPENPYNTPVFAIKKKDGTKWRKLVDFREL
NKKTQDFWEVQLGIPHPAGLKKKKSVTVLDVGDAYFSVPLDEDFRKYTAFTIPSINNETPGIRYQYNVLPQGWKGSPAIF
QSSMTKILEPFRKQNPDIVIYQYMDDLYVGSDLEIGQHRTKIEELRQHLLRWGLTTPDKKHQKEPPFLWMGYELHPDKWT
VQPIVLPEKDSWTVNDIQKLVGKLNWASQIYPGIKVRQLCKLLRGTKALTEVIPLTEEAELELAENREILKEPVHGVYYD
PSKDLIAEIQKQGQGQWTYQIYQEPFKNLKTGKYARMRGAHTNDVKQLTEAVQKITTESIVIWGKTPKFKLPIQKETWET
WWTEYWQATWVPEWEFVNTPPLVKLWYQLEKEPIVGAETFYVDGAASRETKLGKAGYVTNKGRQKVVTLTDTTNQKTELQ
AIHLALQDSGLEVNIVTDSQYALGIIQAQPDQSESELVNQIIEQLIKKEKVYLAWVPAHKGIGGNEQVDKLVSAGIRKIL
;
A
2 'polypeptide(L)'
;GPISPIETVPVKLKPGMDGPKVKQWPLTEEKIKALVEICTEMEKEGKISKIGPENPYNTPVFAIKKKDGTKWRKLVDFRE
LNKKTQDFWEVQLGIPHPAGLKKKKSVTVLDVGDAYFSVPLDEDFRKYTAFTIPSINNETPGIRYQYNVLPQGWKGSPAI
FQSSMTKILEPFRKQNPDIVIYQYMDDLYVGSDLEIGQHRTKIEELRQHLLRWGLTTPDKKHQKEPPFLWMGYELHPDKW
TVQPIVLPEKDSWTVNDIQKLVGKLNWASQIYPGIKVRQLCKLLRGTKALTEVIPLTEEAELELAENREILKEPVHGVYY
DPSKDLIAEIQKQGQGQWTYQIYQEPFKNLKTGKYARMRGAHTNDVKQLTEAVQKITTESIVIWGKTPKFKLPIQKETWE
TWWTEYWQATWVPEWEFVNTPPLVKLWYQLEKEPIVGAETF
;
B
3 'polydeoxyribonucleotide'
;(DC)(DG)(DT)(DA)(DT)(DG)(DC)(DC)(DT)(DA)(DT)(DA)(DG)(DT)(DT)(DA)(DT)(DT)(DG)(DT)
(DG)(DG)(DC)(DC)
;
D
4 'polyribonucleotide' AUGA(3DR)GGCCACAAUAACUAUAGGCAUA R
#
# COMPACT_ATOMS: atom_id res chain seq x y z
N PRO A 4 0.74 -14.06 -42.48
CA PRO A 4 1.82 -14.16 -41.50
C PRO A 4 1.48 -13.43 -40.20
N ILE A 5 0.29 -13.70 -39.67
CA ILE A 5 -0.21 -13.00 -38.47
C ILE A 5 0.22 -13.65 -37.15
N GLU A 6 1.33 -14.39 -37.20
CA GLU A 6 1.99 -15.00 -36.03
C GLU A 6 1.08 -15.52 -34.90
N THR A 7 0.87 -16.84 -34.90
CA THR A 7 0.02 -17.51 -33.92
C THR A 7 0.65 -17.51 -32.51
N VAL A 8 -0.18 -17.28 -31.51
CA VAL A 8 0.26 -17.28 -30.12
C VAL A 8 -0.03 -18.64 -29.47
N PRO A 9 1.01 -19.29 -28.93
CA PRO A 9 0.87 -20.59 -28.27
C PRO A 9 0.02 -20.53 -27.01
N VAL A 10 -1.09 -21.29 -27.00
CA VAL A 10 -2.03 -21.30 -25.89
C VAL A 10 -2.27 -22.73 -25.40
N LYS A 11 -2.16 -22.92 -24.08
CA LYS A 11 -2.43 -24.21 -23.45
C LYS A 11 -3.63 -24.14 -22.51
N LEU A 12 -3.99 -25.26 -21.91
CA LEU A 12 -5.09 -25.33 -20.94
C LEU A 12 -4.58 -25.35 -19.50
N LYS A 13 -5.51 -25.38 -18.55
CA LYS A 13 -5.19 -25.53 -17.13
C LYS A 13 -4.67 -26.94 -16.84
N PRO A 14 -3.75 -27.07 -15.87
CA PRO A 14 -2.96 -28.30 -15.62
C PRO A 14 -3.72 -29.63 -15.64
N GLY A 15 -4.85 -29.72 -14.93
CA GLY A 15 -5.50 -31.01 -14.69
C GLY A 15 -6.91 -31.22 -15.20
N MET A 16 -7.16 -30.84 -16.45
CA MET A 16 -8.46 -31.11 -17.10
C MET A 16 -8.43 -30.94 -18.62
N ASP A 17 -9.15 -31.82 -19.32
CA ASP A 17 -9.30 -31.76 -20.77
C ASP A 17 -10.40 -30.77 -21.16
N GLY A 18 -10.64 -30.64 -22.47
CA GLY A 18 -11.67 -29.76 -23.00
C GLY A 18 -13.08 -30.20 -22.67
N PRO A 19 -14.08 -29.30 -22.88
CA PRO A 19 -15.48 -29.58 -22.55
C PRO A 19 -16.10 -30.68 -23.40
N LYS A 20 -16.72 -31.65 -22.73
CA LYS A 20 -17.42 -32.75 -23.41
C LYS A 20 -18.93 -32.62 -23.22
N VAL A 21 -19.40 -31.37 -23.12
CA VAL A 21 -20.81 -31.06 -22.90
C VAL A 21 -21.65 -31.30 -24.17
N LYS A 22 -22.77 -31.99 -24.00
CA LYS A 22 -23.66 -32.36 -25.10
C LYS A 22 -24.61 -31.21 -25.49
N GLN A 23 -25.17 -31.31 -26.70
CA GLN A 23 -26.08 -30.29 -27.23
C GLN A 23 -27.48 -30.35 -26.62
N TRP A 24 -28.16 -29.21 -26.64
CA TRP A 24 -29.56 -29.10 -26.20
C TRP A 24 -30.48 -29.57 -27.31
N PRO A 25 -31.76 -29.87 -26.96
CA PRO A 25 -32.75 -30.32 -27.96
C PRO A 25 -32.84 -29.40 -29.18
N LEU A 26 -32.98 -30.01 -30.35
CA LEU A 26 -33.04 -29.30 -31.63
C LEU A 26 -34.30 -28.45 -31.78
N THR A 27 -34.21 -27.39 -32.58
CA THR A 27 -35.31 -26.44 -32.75
C THR A 27 -35.85 -26.44 -34.18
N GLU A 28 -34.96 -26.62 -35.17
CA GLU A 28 -35.29 -26.62 -36.61
C GLU A 28 -35.55 -25.21 -37.16
N GLU A 29 -36.13 -24.34 -36.33
CA GLU A 29 -36.40 -22.95 -36.71
C GLU A 29 -35.12 -22.12 -36.77
N LYS A 30 -34.12 -22.50 -35.98
CA LYS A 30 -32.84 -21.80 -35.93
C LYS A 30 -31.73 -22.52 -36.70
N ILE A 31 -31.90 -23.83 -36.89
CA ILE A 31 -30.91 -24.66 -37.58
C ILE A 31 -30.74 -24.27 -39.05
N LYS A 32 -31.86 -24.02 -39.72
CA LYS A 32 -31.86 -23.64 -41.14
C LYS A 32 -31.08 -22.35 -41.42
N ALA A 33 -31.05 -21.45 -40.44
CA ALA A 33 -30.31 -20.19 -40.54
C ALA A 33 -28.82 -20.37 -40.23
N LEU A 34 -28.52 -21.25 -39.28
CA LEU A 34 -27.15 -21.49 -38.82
C LEU A 34 -26.25 -22.14 -39.88
N VAL A 35 -26.84 -22.99 -40.71
CA VAL A 35 -26.12 -23.67 -41.79
C VAL A 35 -25.62 -22.67 -42.83
N GLU A 36 -26.45 -21.68 -43.15
CA GLU A 36 -26.12 -20.64 -44.12
C GLU A 36 -24.97 -19.74 -43.66
N ILE A 37 -24.90 -19.51 -42.35
CA ILE A 37 -23.85 -18.68 -41.76
C ILE A 37 -22.53 -19.44 -41.65
N CYS A 38 -22.61 -20.70 -41.22
CA CYS A 38 -21.42 -21.55 -41.02
C CYS A 38 -20.71 -21.91 -42.33
N THR A 39 -21.48 -22.01 -43.42
CA THR A 39 -20.93 -22.30 -44.74
C THR A 39 -20.10 -21.12 -45.26
N GLU A 40 -20.58 -19.90 -44.97
CA GLU A 40 -19.87 -18.67 -45.34
C GLU A 40 -18.57 -18.53 -44.55
N MET A 41 -18.62 -18.89 -43.26
CA MET A 41 -17.44 -18.85 -42.39
C MET A 41 -16.40 -19.90 -42.80
N GLU A 42 -16.87 -21.04 -43.30
CA GLU A 42 -16.01 -22.11 -43.79
C GLU A 42 -15.37 -21.73 -45.13
N LYS A 43 -16.13 -21.03 -45.97
CA LYS A 43 -15.66 -20.58 -47.28
C LYS A 43 -14.60 -19.48 -47.15
N GLU A 44 -14.76 -18.63 -46.13
CA GLU A 44 -13.80 -17.57 -45.85
C GLU A 44 -12.51 -18.12 -45.23
N GLY A 45 -12.63 -19.23 -44.50
CA GLY A 45 -11.49 -19.90 -43.89
C GLY A 45 -11.40 -19.73 -42.39
N LYS A 46 -12.54 -19.39 -41.77
CA LYS A 46 -12.61 -19.19 -40.32
C LYS A 46 -12.79 -20.52 -39.57
N ILE A 47 -13.54 -21.44 -40.17
CA ILE A 47 -13.80 -22.75 -39.57
C ILE A 47 -13.61 -23.89 -40.57
N SER A 48 -13.35 -25.09 -40.05
CA SER A 48 -13.15 -26.28 -40.88
C SER A 48 -13.93 -27.48 -40.37
N LYS A 49 -14.31 -28.36 -41.29
CA LYS A 49 -15.11 -29.55 -40.97
C LYS A 49 -14.30 -30.67 -40.31
N ILE A 50 -14.93 -31.34 -39.35
CA ILE A 50 -14.32 -32.46 -38.63
C ILE A 50 -15.32 -33.61 -38.45
N GLY A 51 -14.81 -34.82 -38.28
CA GLY A 51 -15.66 -36.01 -38.12
C GLY A 51 -15.68 -36.54 -36.69
N PRO A 52 -15.67 -37.88 -36.53
CA PRO A 52 -15.65 -38.53 -35.22
C PRO A 52 -14.30 -38.39 -34.52
N GLU A 53 -13.39 -37.63 -35.13
CA GLU A 53 -12.06 -37.36 -34.59
C GLU A 53 -12.10 -36.65 -33.24
N ASN A 54 -12.84 -35.54 -33.20
CA ASN A 54 -12.87 -34.65 -32.05
C ASN A 54 -13.86 -35.13 -30.98
N PRO A 55 -13.37 -35.35 -29.75
CA PRO A 55 -14.23 -35.75 -28.62
C PRO A 55 -14.90 -34.56 -27.94
N TYR A 56 -14.29 -33.38 -28.07
CA TYR A 56 -14.78 -32.17 -27.38
C TYR A 56 -15.95 -31.52 -28.13
N ASN A 57 -16.86 -30.91 -27.37
CA ASN A 57 -18.04 -30.25 -27.93
C ASN A 57 -18.44 -28.98 -27.18
N THR A 58 -19.00 -28.02 -27.91
CA THR A 58 -19.43 -26.75 -27.34
C THR A 58 -20.85 -26.40 -27.83
N PRO A 59 -21.75 -26.02 -26.92
CA PRO A 59 -23.13 -25.69 -27.30
C PRO A 59 -23.25 -24.37 -28.08
N VAL A 60 -24.16 -24.34 -29.05
CA VAL A 60 -24.38 -23.17 -29.89
C VAL A 60 -25.77 -22.58 -29.64
N PHE A 61 -25.82 -21.27 -29.41
CA PHE A 61 -27.08 -20.57 -29.17
C PHE A 61 -27.57 -19.86 -30.43
N VAL A 75 -22.08 -19.00 -29.99
CA VAL A 75 -21.52 -20.17 -29.32
C VAL A 75 -21.11 -19.81 -27.89
N ASP A 76 -21.63 -20.55 -26.92
CA ASP A 76 -21.35 -20.29 -25.51
C ASP A 76 -20.14 -21.08 -25.02
N PHE A 77 -19.03 -20.38 -24.81
CA PHE A 77 -17.77 -20.99 -24.37
C PHE A 77 -17.60 -20.90 -22.84
N ARG A 78 -18.71 -21.04 -22.12
CA ARG A 78 -18.71 -20.91 -20.65
C ARG A 78 -17.89 -21.99 -19.95
N GLU A 79 -17.93 -23.21 -20.48
CA GLU A 79 -17.20 -24.34 -19.90
C GLU A 79 -15.72 -24.34 -20.30
N LEU A 80 -15.44 -23.90 -21.53
CA LEU A 80 -14.06 -23.86 -22.04
C LEU A 80 -13.22 -22.78 -21.34
N ASN A 81 -13.82 -21.61 -21.13
CA ASN A 81 -13.14 -20.47 -20.48
C ASN A 81 -12.63 -20.78 -19.08
N LYS A 82 -13.34 -21.65 -18.36
CA LYS A 82 -12.91 -22.11 -17.04
C LYS A 82 -11.75 -23.08 -17.12
N LYS A 83 -11.66 -23.80 -18.24
CA LYS A 83 -10.59 -24.78 -18.48
C LYS A 83 -9.36 -24.15 -19.13
N THR A 84 -9.56 -23.02 -19.81
CA THR A 84 -8.49 -22.28 -20.47
C THR A 84 -7.56 -21.63 -19.45
N GLN A 85 -6.28 -21.54 -19.78
CA GLN A 85 -5.27 -20.95 -18.90
C GLN A 85 -5.53 -19.47 -18.60
N ASP A 86 -4.95 -18.98 -17.51
CA ASP A 86 -5.06 -17.59 -17.12
C ASP A 86 -4.17 -16.70 -17.98
N PHE A 87 -4.75 -15.62 -18.50
CA PHE A 87 -4.01 -14.62 -19.27
C PHE A 87 -3.82 -13.36 -18.44
N TRP A 88 -2.72 -12.66 -18.66
CA TRP A 88 -2.45 -11.41 -17.96
C TRP A 88 -3.39 -10.33 -18.42
N GLU A 89 -3.75 -9.45 -17.48
CA GLU A 89 -4.73 -8.38 -17.71
C GLU A 89 -4.54 -7.63 -19.04
N VAL A 90 -5.64 -7.45 -19.75
CA VAL A 90 -5.67 -6.68 -20.99
C VAL A 90 -5.53 -5.20 -20.66
N GLN A 91 -6.46 -4.71 -19.83
CA GLN A 91 -6.45 -3.34 -19.30
C GLN A 91 -7.29 -3.29 -18.03
N LEU A 92 -6.62 -3.31 -16.88
CA LEU A 92 -7.30 -3.32 -15.58
C LEU A 92 -7.94 -1.97 -15.27
N GLY A 93 -7.11 -0.94 -15.15
CA GLY A 93 -7.58 0.42 -14.91
C GLY A 93 -7.88 1.13 -16.21
N ILE A 94 -9.06 1.73 -16.29
CA ILE A 94 -9.47 2.49 -17.48
C ILE A 94 -8.93 3.92 -17.45
N PRO A 95 -8.49 4.42 -18.62
CA PRO A 95 -7.98 5.81 -18.72
C PRO A 95 -9.03 6.84 -18.34
N HIS A 96 -8.65 7.78 -17.49
CA HIS A 96 -9.53 8.88 -17.10
C HIS A 96 -9.34 10.04 -18.04
N PRO A 97 -10.46 10.62 -18.53
CA PRO A 97 -10.42 11.73 -19.49
C PRO A 97 -9.60 12.95 -19.04
N ALA A 98 -9.37 13.08 -17.73
CA ALA A 98 -8.56 14.16 -17.18
C ALA A 98 -7.07 13.96 -17.48
N GLY A 99 -6.64 12.71 -17.61
CA GLY A 99 -5.25 12.38 -17.89
C GLY A 99 -4.85 12.49 -19.35
N LEU A 100 -5.86 12.55 -20.23
CA LEU A 100 -5.62 12.69 -21.67
C LEU A 100 -5.15 14.10 -22.03
N LYS A 101 -4.51 14.23 -23.19
CA LYS A 101 -3.95 15.50 -23.65
C LYS A 101 -4.86 16.19 -24.66
N LYS A 102 -4.82 17.52 -24.66
CA LYS A 102 -5.61 18.32 -25.59
C LYS A 102 -5.04 18.25 -27.00
N LYS A 103 -5.90 17.89 -27.96
CA LYS A 103 -5.48 17.72 -29.35
C LYS A 103 -6.30 18.59 -30.31
N LYS A 104 -5.70 18.90 -31.46
CA LYS A 104 -6.35 19.71 -32.49
C LYS A 104 -7.40 18.91 -33.26
N SER A 105 -7.03 17.70 -33.69
CA SER A 105 -7.92 16.84 -34.44
C SER A 105 -7.88 15.40 -33.92
N VAL A 106 -9.06 14.81 -33.77
CA VAL A 106 -9.20 13.44 -33.24
C VAL A 106 -10.01 12.57 -34.21
N THR A 107 -9.61 11.30 -34.33
CA THR A 107 -10.27 10.34 -35.21
C THR A 107 -10.39 8.96 -34.54
N VAL A 108 -11.57 8.35 -34.68
CA VAL A 108 -11.81 6.99 -34.18
C VAL A 108 -11.94 6.00 -35.34
N LEU A 109 -11.47 4.77 -35.13
CA LEU A 109 -11.52 3.73 -36.15
C LEU A 109 -12.09 2.42 -35.60
N ASP A 110 -13.25 2.03 -36.12
CA ASP A 110 -13.91 0.79 -35.73
C ASP A 110 -13.41 -0.36 -36.60
N VAL A 111 -12.62 -1.25 -36.01
CA VAL A 111 -11.97 -2.32 -36.75
C VAL A 111 -12.90 -3.50 -37.06
N GLY A 112 -13.14 -3.71 -38.35
CA GLY A 112 -13.83 -4.90 -38.83
C GLY A 112 -12.84 -6.01 -39.09
N ASP A 113 -13.32 -7.26 -39.07
CA ASP A 113 -12.46 -8.44 -39.15
C ASP A 113 -11.39 -8.44 -38.06
N ALA A 114 -11.84 -8.19 -36.83
CA ALA A 114 -10.94 -8.06 -35.68
C ALA A 114 -10.41 -9.41 -35.21
N TYR A 115 -11.31 -10.27 -34.73
CA TYR A 115 -10.94 -11.60 -34.26
C TYR A 115 -10.82 -12.60 -35.40
N PHE A 116 -11.32 -12.21 -36.58
CA PHE A 116 -11.32 -13.06 -37.76
C PHE A 116 -9.96 -13.07 -38.45
N SER A 117 -9.25 -11.94 -38.39
CA SER A 117 -7.95 -11.79 -39.05
C SER A 117 -6.83 -12.55 -38.33
N VAL A 118 -6.93 -12.66 -37.01
CA VAL A 118 -5.90 -13.32 -36.20
C VAL A 118 -6.24 -14.81 -36.01
N PRO A 119 -5.38 -15.70 -36.52
CA PRO A 119 -5.58 -17.15 -36.42
C PRO A 119 -5.28 -17.70 -35.02
N LEU A 120 -5.87 -18.84 -34.70
CA LEU A 120 -5.69 -19.50 -33.41
C LEU A 120 -4.57 -20.53 -33.46
N ASP A 121 -4.00 -20.85 -32.30
CA ASP A 121 -2.98 -21.89 -32.17
C ASP A 121 -3.54 -23.23 -32.64
N GLU A 122 -2.84 -23.86 -33.58
CA GLU A 122 -3.32 -25.06 -34.28
C GLU A 122 -3.65 -26.22 -33.33
N ASP A 123 -2.83 -26.39 -32.29
CA ASP A 123 -3.04 -27.46 -31.30
C ASP A 123 -4.25 -27.18 -30.40
N PHE A 124 -4.58 -25.90 -30.22
CA PHE A 124 -5.70 -25.49 -29.37
C PHE A 124 -7.03 -25.51 -30.14
N ARG A 125 -6.96 -25.50 -31.47
CA ARG A 125 -8.13 -25.43 -32.34
C ARG A 125 -9.15 -26.56 -32.11
N LYS A 126 -8.68 -27.69 -31.59
CA LYS A 126 -9.53 -28.86 -31.35
C LYS A 126 -10.45 -28.73 -30.13
N TYR A 127 -10.13 -27.79 -29.24
CA TYR A 127 -10.94 -27.56 -28.04
C TYR A 127 -12.12 -26.61 -28.30
N THR A 128 -12.06 -25.90 -29.43
CA THR A 128 -13.11 -24.94 -29.80
C THR A 128 -14.17 -25.58 -30.70
N ALA A 129 -14.22 -26.91 -30.73
CA ALA A 129 -15.13 -27.65 -31.59
C ALA A 129 -16.60 -27.55 -31.13
N PHE A 130 -17.49 -27.30 -32.09
CA PHE A 130 -18.92 -27.23 -31.83
C PHE A 130 -19.73 -28.06 -32.83
N THR A 131 -20.79 -28.70 -32.34
CA THR A 131 -21.63 -29.57 -33.16
C THR A 131 -23.00 -28.94 -33.40
N ILE A 132 -23.43 -28.94 -34.66
CA ILE A 132 -24.74 -28.43 -35.05
C ILE A 132 -25.84 -29.45 -34.71
N PRO A 133 -27.02 -28.98 -34.25
CA PRO A 133 -28.14 -29.89 -34.01
C PRO A 133 -28.64 -30.58 -35.29
N SER A 134 -29.18 -31.78 -35.13
CA SER A 134 -29.60 -32.63 -36.24
C SER A 134 -30.91 -32.17 -36.89
N ILE A 135 -31.22 -32.75 -38.05
CA ILE A 135 -32.45 -32.46 -38.78
C ILE A 135 -33.60 -33.36 -38.31
N ASN A 136 -33.35 -34.66 -38.29
CA ASN A 136 -34.37 -35.64 -37.90
C ASN A 136 -33.87 -36.70 -36.91
N ASN A 137 -34.04 -36.42 -35.63
CA ASN A 137 -33.71 -37.33 -34.53
C ASN A 137 -32.27 -37.86 -34.50
N GLU A 138 -31.37 -37.02 -33.98
CA GLU A 138 -29.96 -37.37 -33.73
C GLU A 138 -29.20 -37.97 -34.93
N THR A 139 -29.48 -37.46 -36.13
CA THR A 139 -28.74 -37.83 -37.33
C THR A 139 -27.31 -37.28 -37.26
N PRO A 140 -26.32 -38.01 -37.84
CA PRO A 140 -24.89 -37.71 -37.77
C PRO A 140 -24.52 -36.25 -37.49
N GLY A 141 -25.04 -35.32 -38.30
CA GLY A 141 -24.82 -33.89 -38.10
C GLY A 141 -23.50 -33.37 -38.63
N ILE A 142 -23.34 -32.06 -38.61
CA ILE A 142 -22.13 -31.40 -39.11
C ILE A 142 -21.32 -30.81 -37.96
N ARG A 143 -20.01 -31.02 -37.99
CA ARG A 143 -19.11 -30.52 -36.95
C ARG A 143 -18.12 -29.49 -37.49
N TYR A 144 -17.81 -28.49 -36.68
CA TYR A 144 -16.85 -27.45 -37.04
C TYR A 144 -15.89 -27.13 -35.89
N GLN A 145 -14.76 -26.53 -36.23
CA GLN A 145 -13.80 -26.03 -35.23
C GLN A 145 -13.17 -24.71 -35.68
N TYR A 146 -12.96 -23.81 -34.72
CA TYR A 146 -12.42 -22.49 -35.00
C TYR A 146 -10.94 -22.52 -35.40
N ASN A 147 -10.62 -21.90 -36.53
CA ASN A 147 -9.24 -21.73 -36.97
C ASN A 147 -8.69 -20.37 -36.55
N VAL A 148 -9.60 -19.46 -36.22
CA VAL A 148 -9.26 -18.11 -35.77
C VAL A 148 -9.80 -17.84 -34.36
N LEU A 149 -9.64 -16.61 -33.88
CA LEU A 149 -10.15 -16.22 -32.56
C LEU A 149 -11.68 -16.16 -32.55
N PRO A 150 -12.32 -16.91 -31.63
CA PRO A 150 -13.78 -16.92 -31.53
C PRO A 150 -14.33 -15.83 -30.60
N GLN A 151 -15.58 -15.45 -30.82
CA GLN A 151 -16.25 -14.45 -29.99
C GLN A 151 -16.68 -15.04 -28.64
N GLY A 152 -16.40 -14.30 -27.57
CA GLY A 152 -16.75 -14.73 -26.22
C GLY A 152 -15.75 -15.71 -25.61
N TRP A 153 -14.49 -15.61 -26.06
CA TRP A 153 -13.41 -16.45 -25.54
C TRP A 153 -12.50 -15.67 -24.64
N LYS A 154 -11.94 -16.35 -23.65
CA LYS A 154 -11.12 -15.72 -22.60
C LYS A 154 -9.86 -15.03 -23.15
N GLY A 155 -9.17 -15.68 -24.06
CA GLY A 155 -7.91 -15.16 -24.60
C GLY A 155 -8.03 -14.36 -25.90
N SER A 156 -9.27 -14.16 -26.36
CA SER A 156 -9.53 -13.45 -27.61
C SER A 156 -9.14 -11.97 -27.59
N PRO A 157 -9.54 -11.21 -26.54
CA PRO A 157 -9.13 -9.81 -26.49
C PRO A 157 -7.66 -9.61 -26.06
N ALA A 158 -7.10 -10.61 -25.39
CA ALA A 158 -5.71 -10.54 -24.92
C ALA A 158 -4.71 -10.73 -26.06
N ILE A 159 -4.96 -11.71 -26.92
CA ILE A 159 -4.11 -11.99 -28.08
C ILE A 159 -4.27 -10.90 -29.15
N PHE A 160 -5.50 -10.45 -29.34
CA PHE A 160 -5.81 -9.41 -30.34
C PHE A 160 -5.09 -8.09 -30.07
N GLN A 161 -5.03 -7.69 -28.80
CA GLN A 161 -4.33 -6.47 -28.39
C GLN A 161 -2.81 -6.64 -28.53
N SER A 162 -2.31 -7.82 -28.15
CA SER A 162 -0.90 -8.15 -28.25
C SER A 162 -0.42 -8.19 -29.70
N SER A 163 -1.29 -8.65 -30.59
CA SER A 163 -1.01 -8.67 -32.02
C SER A 163 -1.07 -7.27 -32.62
N MET A 164 -1.98 -6.44 -32.10
CA MET A 164 -2.17 -5.07 -32.56
C MET A 164 -1.01 -4.16 -32.14
N THR A 165 -0.49 -4.38 -30.93
CA THR A 165 0.63 -3.59 -30.40
C THR A 165 1.90 -3.75 -31.24
N LYS A 166 2.10 -4.96 -31.77
CA LYS A 166 3.25 -5.27 -32.63
C LYS A 166 3.12 -4.62 -34.01
N ILE A 167 1.88 -4.45 -34.47
CA ILE A 167 1.59 -3.83 -35.76
C ILE A 167 1.77 -2.31 -35.69
N LEU A 168 1.33 -1.71 -34.59
CA LEU A 168 1.38 -0.26 -34.41
C LEU A 168 2.78 0.29 -34.09
N GLU A 169 3.67 -0.58 -33.61
CA GLU A 169 5.03 -0.20 -33.21
C GLU A 169 5.82 0.59 -34.28
N PRO A 170 5.89 0.09 -35.53
CA PRO A 170 6.59 0.84 -36.58
C PRO A 170 5.95 2.19 -36.89
N PHE A 171 4.63 2.29 -36.78
CA PHE A 171 3.91 3.54 -37.01
C PHE A 171 4.11 4.54 -35.87
N ARG A 172 4.22 4.01 -34.65
CA ARG A 172 4.43 4.83 -33.46
C ARG A 172 5.83 5.46 -33.45
N LYS A 173 6.81 4.72 -33.94
CA LYS A 173 8.19 5.19 -34.03
C LYS A 173 8.37 6.22 -35.16
N GLN A 174 7.70 5.97 -36.29
CA GLN A 174 7.73 6.88 -37.43
C GLN A 174 6.93 8.15 -37.16
N ASN A 175 5.86 8.02 -36.38
CA ASN A 175 5.03 9.16 -35.99
C ASN A 175 4.90 9.29 -34.46
N PRO A 176 5.92 9.86 -33.79
CA PRO A 176 5.85 10.07 -32.34
C PRO A 176 5.08 11.34 -31.97
N ASP A 177 4.88 12.22 -32.96
CA ASP A 177 4.14 13.47 -32.77
C ASP A 177 2.65 13.23 -32.55
N ILE A 178 2.14 12.14 -33.11
CA ILE A 178 0.73 11.76 -32.93
C ILE A 178 0.57 10.73 -31.81
N VAL A 179 -0.61 10.68 -31.21
CA VAL A 179 -0.90 9.76 -30.12
C VAL A 179 -2.01 8.79 -30.50
N ILE A 180 -1.72 7.50 -30.42
CA ILE A 180 -2.69 6.45 -30.72
C ILE A 180 -3.00 5.62 -29.47
N TYR A 181 -4.29 5.52 -29.15
CA TYR A 181 -4.76 4.71 -28.02
C TYR A 181 -5.65 3.57 -28.52
N GLN A 182 -5.39 2.37 -28.00
CA GLN A 182 -6.16 1.18 -28.39
C GLN A 182 -7.08 0.69 -27.27
N TYR A 183 -8.35 0.47 -27.63
CA TYR A 183 -9.37 -0.01 -26.69
C TYR A 183 -10.26 -1.05 -27.37
N MET A 184 -10.22 -2.27 -26.85
CA MET A 184 -10.97 -3.41 -27.41
C MET A 184 -10.72 -3.57 -28.91
N ASP A 185 -11.69 -3.14 -29.72
CA ASP A 185 -11.58 -3.18 -31.18
C ASP A 185 -11.33 -1.80 -31.76
N ASP A 186 -11.85 -0.77 -31.08
CA ASP A 186 -11.75 0.61 -31.54
C ASP A 186 -10.35 1.20 -31.32
N LEU A 187 -9.95 2.13 -32.20
CA LEU A 187 -8.67 2.82 -32.09
C LEU A 187 -8.86 4.34 -32.10
N TYR A 188 -8.35 5.00 -31.06
CA TYR A 188 -8.45 6.44 -30.93
C TYR A 188 -7.13 7.12 -31.31
N VAL A 189 -7.17 7.93 -32.36
CA VAL A 189 -5.99 8.63 -32.86
C VAL A 189 -6.17 10.15 -32.74
N GLY A 190 -5.18 10.82 -32.17
CA GLY A 190 -5.22 12.27 -31.98
C GLY A 190 -3.88 12.94 -32.19
N SER A 191 -3.91 14.15 -32.77
CA SER A 191 -2.68 14.92 -33.03
C SER A 191 -2.93 16.43 -32.95
N ASP A 192 -1.84 17.19 -32.88
CA ASP A 192 -1.90 18.65 -32.83
C ASP A 192 -1.72 19.29 -34.21
N LEU A 193 -1.62 18.45 -35.25
CA LEU A 193 -1.47 18.90 -36.63
C LEU A 193 -2.77 19.48 -37.18
N GLU A 194 -2.67 20.18 -38.31
CA GLU A 194 -3.83 20.74 -38.99
C GLU A 194 -4.73 19.64 -39.55
N ILE A 195 -6.00 20.00 -39.81
CA ILE A 195 -7.01 19.04 -40.29
C ILE A 195 -6.63 18.37 -41.62
N GLY A 196 -5.82 19.04 -42.42
CA GLY A 196 -5.34 18.49 -43.69
C GLY A 196 -4.25 17.45 -43.51
N GLN A 197 -3.30 17.74 -42.62
CA GLN A 197 -2.19 16.83 -42.32
C GLN A 197 -2.63 15.63 -41.51
N HIS A 198 -3.63 15.84 -40.64
CA HIS A 198 -4.16 14.79 -39.78
C HIS A 198 -4.95 13.76 -40.55
N ARG A 199 -5.72 14.22 -41.53
CA ARG A 199 -6.57 13.35 -42.35
C ARG A 199 -5.75 12.43 -43.25
N THR A 200 -4.56 12.90 -43.65
CA THR A 200 -3.66 12.14 -44.52
C THR A 200 -2.97 11.01 -43.77
N LYS A 201 -2.62 11.26 -42.50
CA LYS A 201 -1.90 10.29 -41.67
C LYS A 201 -2.78 9.12 -41.20
N ILE A 202 -4.09 9.36 -41.13
CA ILE A 202 -5.06 8.31 -40.78
C ILE A 202 -5.18 7.27 -41.90
N GLU A 203 -5.13 7.75 -43.15
CA GLU A 203 -5.16 6.88 -44.32
C GLU A 203 -3.91 6.01 -44.41
N GLU A 204 -2.77 6.59 -44.02
CA GLU A 204 -1.49 5.86 -43.96
C GLU A 204 -1.50 4.79 -42.89
N LEU A 205 -2.25 5.03 -41.81
CA LEU A 205 -2.45 4.07 -40.74
C LEU A 205 -3.36 2.93 -41.22
N ARG A 206 -4.38 3.29 -42.00
CA ARG A 206 -5.34 2.33 -42.55
C ARG A 206 -4.69 1.35 -43.52
N GLN A 207 -3.79 1.85 -44.36
CA GLN A 207 -3.07 1.03 -45.34
C GLN A 207 -2.11 0.04 -44.65
N HIS A 208 -1.61 0.43 -43.49
CA HIS A 208 -0.72 -0.42 -42.69
C HIS A 208 -1.49 -1.52 -42.00
N LEU A 209 -2.73 -1.22 -41.61
CA LEU A 209 -3.61 -2.22 -40.99
C LEU A 209 -4.22 -3.16 -42.03
N LEU A 210 -4.43 -2.64 -43.24
CA LEU A 210 -4.98 -3.41 -44.35
C LEU A 210 -4.00 -4.46 -44.85
N ARG A 211 -2.71 -4.24 -44.61
CA ARG A 211 -1.65 -5.20 -44.92
C ARG A 211 -1.85 -6.51 -44.15
N TRP A 212 -2.30 -6.40 -42.90
CA TRP A 212 -2.52 -7.55 -42.04
C TRP A 212 -3.94 -8.08 -42.14
N GLY A 213 -4.78 -7.34 -42.85
CA GLY A 213 -6.17 -7.74 -43.08
C GLY A 213 -7.14 -7.19 -42.05
N LEU A 214 -7.00 -5.90 -41.74
CA LEU A 214 -7.87 -5.24 -40.78
C LEU A 214 -8.71 -4.16 -41.46
N THR A 215 -10.02 -4.37 -41.49
CA THR A 215 -10.95 -3.46 -42.15
C THR A 215 -11.24 -2.23 -41.28
N THR A 216 -11.09 -1.06 -41.88
CA THR A 216 -11.32 0.22 -41.20
C THR A 216 -12.21 1.14 -42.05
N PRO A 217 -13.08 1.93 -41.39
CA PRO A 217 -14.00 2.83 -42.11
C PRO A 217 -13.28 3.94 -42.86
N ASP A 218 -13.82 4.33 -44.00
CA ASP A 218 -13.26 5.40 -44.82
C ASP A 218 -13.60 6.79 -44.28
N LYS A 219 -13.04 7.82 -44.91
CA LYS A 219 -13.21 9.22 -44.50
C LYS A 219 -14.66 9.63 -44.27
N LYS A 220 -15.54 9.22 -45.19
CA LYS A 220 -16.97 9.54 -45.11
C LYS A 220 -17.70 8.71 -44.04
N HIS A 221 -17.15 7.52 -43.74
CA HIS A 221 -17.76 6.61 -42.78
C HIS A 221 -17.23 6.78 -41.38
N GLN A 222 -16.24 7.66 -41.22
CA GLN A 222 -15.65 7.96 -39.92
C GLN A 222 -16.59 8.79 -39.04
N LYS A 223 -16.55 8.52 -37.74
CA LYS A 223 -17.38 9.22 -36.76
C LYS A 223 -16.83 10.62 -36.46
N GLU A 224 -17.74 11.55 -36.16
CA GLU A 224 -17.39 12.93 -35.83
C GLU A 224 -16.86 13.04 -34.38
N PRO A 225 -16.16 14.17 -34.07
CA PRO A 225 -15.51 14.39 -32.77
C PRO A 225 -16.30 14.13 -31.46
N PRO A 226 -17.64 14.26 -31.46
CA PRO A 226 -18.33 13.83 -30.24
C PRO A 226 -18.34 12.31 -30.07
N PHE A 227 -17.33 11.78 -29.37
CA PHE A 227 -17.21 10.34 -29.14
C PHE A 227 -17.87 9.94 -27.82
N LEU A 228 -18.57 8.80 -27.86
CA LEU A 228 -19.16 8.23 -26.65
C LEU A 228 -18.35 7.02 -26.19
N TRP A 229 -17.61 7.20 -25.10
CA TRP A 229 -16.70 6.18 -24.59
C TRP A 229 -16.80 6.05 -23.09
N MET A 230 -17.15 4.84 -22.64
CA MET A 230 -17.30 4.52 -21.21
C MET A 230 -18.24 5.46 -20.44
N GLY A 231 -19.24 5.98 -21.15
CA GLY A 231 -20.20 6.91 -20.56
C GLY A 231 -19.81 8.37 -20.71
N TYR A 232 -18.58 8.61 -21.15
CA TYR A 232 -18.06 9.97 -21.33
C TYR A 232 -18.28 10.47 -22.76
N GLU A 233 -18.75 11.71 -22.88
CA GLU A 233 -18.83 12.39 -24.17
C GLU A 233 -17.57 13.21 -24.37
N LEU A 234 -16.70 12.73 -25.27
CA LEU A 234 -15.37 13.31 -25.46
C LEU A 234 -15.35 14.40 -26.54
N HIS A 235 -14.53 15.42 -26.29
CA HIS A 235 -14.27 16.50 -27.24
C HIS A 235 -12.80 16.77 -27.31
N PRO A 236 -12.32 17.41 -28.40
CA PRO A 236 -10.88 17.71 -28.53
C PRO A 236 -10.34 18.68 -27.47
N ASP A 237 -11.17 19.59 -26.98
CA ASP A 237 -10.74 20.61 -26.02
C ASP A 237 -11.26 20.38 -24.60
N LYS A 238 -12.43 19.77 -24.49
CA LYS A 238 -13.06 19.52 -23.18
C LYS A 238 -13.67 18.11 -23.10
N TRP A 239 -14.22 17.76 -21.94
CA TRP A 239 -14.91 16.48 -21.77
C TRP A 239 -16.04 16.59 -20.77
N THR A 240 -17.15 15.91 -21.07
CA THR A 240 -18.32 15.93 -20.19
C THR A 240 -19.05 14.58 -20.18
N VAL A 241 -19.76 14.32 -19.09
CA VAL A 241 -20.56 13.10 -18.96
C VAL A 241 -21.98 13.31 -19.52
N GLN A 242 -22.63 12.21 -19.89
CA GLN A 242 -24.01 12.24 -20.37
C GLN A 242 -24.96 12.78 -19.29
N PRO A 243 -25.91 13.65 -19.68
CA PRO A 243 -26.84 14.29 -18.73
C PRO A 243 -27.51 13.30 -17.78
N ILE A 244 -27.39 13.53 -16.48
CA ILE A 244 -27.95 12.66 -15.46
C ILE A 244 -29.35 13.12 -15.07
N VAL A 245 -30.35 12.30 -15.40
CA VAL A 245 -31.75 12.56 -15.07
C VAL A 245 -32.28 11.41 -14.20
N LEU A 246 -32.81 11.75 -13.03
CA LEU A 246 -33.29 10.75 -12.08
C LEU A 246 -34.78 10.89 -11.75
N PRO A 247 -35.46 9.75 -11.47
CA PRO A 247 -36.83 9.76 -10.93
C PRO A 247 -36.87 10.46 -9.57
N GLU A 248 -37.98 11.15 -9.28
CA GLU A 248 -38.00 12.12 -8.19
C GLU A 248 -38.87 11.83 -6.95
N LYS A 249 -39.92 12.63 -6.79
CA LYS A 249 -40.63 12.82 -5.50
C LYS A 249 -41.01 11.59 -4.67
N ASP A 250 -42.01 10.84 -5.14
CA ASP A 250 -42.68 9.79 -4.36
C ASP A 250 -41.74 8.80 -3.65
N SER A 251 -42.18 8.33 -2.49
CA SER A 251 -41.39 7.44 -1.63
C SER A 251 -40.83 6.23 -2.37
N TRP A 252 -39.52 6.27 -2.62
CA TRP A 252 -38.84 5.22 -3.36
C TRP A 252 -38.41 4.07 -2.48
N THR A 253 -38.05 2.96 -3.12
CA THR A 253 -37.65 1.74 -2.40
C THR A 253 -36.14 1.71 -2.12
N VAL A 254 -35.68 0.65 -1.46
CA VAL A 254 -34.29 0.50 -1.00
C VAL A 254 -33.26 0.50 -2.14
N ASN A 255 -33.50 -0.29 -3.19
CA ASN A 255 -32.55 -0.42 -4.29
C ASN A 255 -32.57 0.78 -5.25
N ASP A 256 -33.67 1.53 -5.21
CA ASP A 256 -33.78 2.80 -5.96
C ASP A 256 -32.86 3.86 -5.37
N ILE A 257 -32.60 3.76 -4.06
CA ILE A 257 -31.61 4.59 -3.38
C ILE A 257 -30.20 4.15 -3.82
N GLN A 258 -30.01 2.84 -3.93
CA GLN A 258 -28.74 2.28 -4.40
C GLN A 258 -28.45 2.65 -5.85
N LYS A 259 -29.51 2.79 -6.65
CA LYS A 259 -29.41 3.27 -8.03
C LYS A 259 -29.12 4.77 -8.05
N LEU A 260 -29.62 5.49 -7.05
CA LEU A 260 -29.42 6.93 -6.93
C LEU A 260 -28.00 7.25 -6.47
N VAL A 261 -27.48 6.44 -5.55
CA VAL A 261 -26.11 6.56 -5.06
C VAL A 261 -25.11 6.28 -6.17
N GLY A 262 -25.41 5.26 -6.99
CA GLY A 262 -24.58 4.89 -8.14
C GLY A 262 -24.45 5.99 -9.17
N LYS A 263 -25.49 6.79 -9.32
CA LYS A 263 -25.49 7.94 -10.23
C LYS A 263 -24.75 9.14 -9.65
N LEU A 264 -24.87 9.33 -8.33
CA LEU A 264 -24.22 10.43 -7.63
C LEU A 264 -22.71 10.20 -7.49
N ASN A 265 -22.31 8.95 -7.26
CA ASN A 265 -20.90 8.56 -7.23
C ASN A 265 -20.25 8.67 -8.60
N TRP A 266 -21.05 8.43 -9.64
CA TRP A 266 -20.64 8.56 -11.03
C TRP A 266 -20.46 10.00 -11.42
N ALA A 267 -21.25 10.87 -10.80
CA ALA A 267 -21.21 12.31 -11.06
C ALA A 267 -20.16 13.03 -10.21
N SER A 268 -19.65 12.34 -9.20
CA SER A 268 -18.68 12.91 -8.25
C SER A 268 -17.32 13.23 -8.88
N GLN A 269 -17.01 12.62 -10.02
CA GLN A 269 -15.75 12.84 -10.72
C GLN A 269 -15.67 14.19 -11.42
N ILE A 270 -16.82 14.79 -11.70
CA ILE A 270 -16.89 16.10 -12.36
C ILE A 270 -17.62 17.16 -11.52
N TYR A 271 -18.73 16.77 -10.90
CA TYR A 271 -19.45 17.66 -9.99
C TYR A 271 -18.77 17.68 -8.62
N PRO A 272 -18.33 18.87 -8.16
CA PRO A 272 -17.53 18.97 -6.93
C PRO A 272 -18.31 18.76 -5.63
N GLY A 273 -19.42 19.49 -5.45
CA GLY A 273 -20.19 19.45 -4.21
C GLY A 273 -21.26 18.37 -4.19
N ILE A 274 -20.84 17.14 -3.87
CA ILE A 274 -21.75 15.99 -3.81
C ILE A 274 -21.72 15.35 -2.42
N LYS A 275 -22.88 15.28 -1.77
CA LYS A 275 -23.03 14.66 -0.46
C LYS A 275 -23.92 13.42 -0.55
N VAL A 276 -23.37 12.27 -0.18
CA VAL A 276 -24.06 10.99 -0.32
C VAL A 276 -24.19 10.19 0.98
N ARG A 277 -23.69 10.77 2.07
CA ARG A 277 -23.61 10.06 3.36
C ARG A 277 -24.95 9.71 4.00
N GLN A 278 -25.94 10.59 3.86
CA GLN A 278 -27.26 10.35 4.44
C GLN A 278 -28.02 9.23 3.73
N LEU A 279 -27.75 9.07 2.44
CA LEU A 279 -28.30 7.96 1.66
C LEU A 279 -27.60 6.65 2.02
N CYS A 280 -26.32 6.74 2.39
CA CYS A 280 -25.54 5.59 2.83
C CYS A 280 -25.96 5.14 4.23
N LYS A 281 -26.45 6.08 5.04
CA LYS A 281 -26.97 5.80 6.38
C LYS A 281 -28.31 5.07 6.32
N LEU A 282 -29.08 5.34 5.25
CA LEU A 282 -30.35 4.66 5.02
C LEU A 282 -30.14 3.25 4.49
N LEU A 283 -29.04 3.04 3.78
CA LEU A 283 -28.67 1.73 3.24
C LEU A 283 -27.92 0.86 4.25
N ARG A 284 -27.74 1.38 5.46
CA ARG A 284 -27.09 0.66 6.55
C ARG A 284 -27.99 -0.45 7.09
N GLY A 285 -29.30 -0.31 6.83
CA GLY A 285 -30.27 -1.36 7.11
C GLY A 285 -30.12 -2.51 6.12
N THR A 286 -30.68 -3.66 6.47
CA THR A 286 -30.43 -4.90 5.71
C THR A 286 -31.71 -5.58 5.22
N LYS A 287 -31.57 -6.39 4.17
CA LYS A 287 -32.58 -7.35 3.69
C LYS A 287 -33.49 -6.87 2.53
N ALA A 288 -34.78 -6.79 2.80
CA ALA A 288 -35.85 -6.65 1.79
C ALA A 288 -35.54 -5.84 0.53
N LEU A 289 -35.95 -6.37 -0.62
CA LEU A 289 -35.81 -5.69 -1.91
C LEU A 289 -36.84 -4.57 -2.08
N THR A 290 -37.97 -4.70 -1.37
CA THR A 290 -39.02 -3.67 -1.37
C THR A 290 -39.38 -3.28 0.06
N GLU A 291 -38.40 -2.70 0.77
CA GLU A 291 -38.59 -2.23 2.13
C GLU A 291 -39.33 -0.90 2.16
N VAL A 292 -39.18 -0.12 1.10
CA VAL A 292 -39.73 1.24 0.99
C VAL A 292 -39.28 2.10 2.17
N ILE A 293 -38.00 2.45 2.16
CA ILE A 293 -37.40 3.23 3.24
C ILE A 293 -37.72 4.72 3.07
N PRO A 294 -38.38 5.32 4.09
CA PRO A 294 -38.72 6.74 4.06
C PRO A 294 -37.50 7.63 4.27
N LEU A 295 -37.65 8.91 3.94
CA LEU A 295 -36.56 9.89 4.07
C LEU A 295 -36.62 10.65 5.39
N THR A 296 -35.46 11.02 5.90
CA THR A 296 -35.36 11.95 7.03
C THR A 296 -35.13 13.35 6.47
N GLU A 297 -35.46 14.36 7.27
CA GLU A 297 -35.36 15.76 6.83
C GLU A 297 -33.94 16.14 6.41
N GLU A 298 -32.94 15.59 7.10
CA GLU A 298 -31.54 15.82 6.77
C GLU A 298 -31.07 15.05 5.54
N ALA A 299 -31.73 13.93 5.26
CA ALA A 299 -31.42 13.10 4.08
C ALA A 299 -31.94 13.73 2.80
N GLU A 300 -33.16 14.26 2.85
CA GLU A 300 -33.78 14.94 1.72
C GLU A 300 -33.17 16.33 1.51
N LEU A 301 -32.59 16.88 2.57
CA LEU A 301 -31.94 18.20 2.53
C LEU A 301 -30.70 18.16 1.64
N GLU A 302 -29.85 17.16 1.84
CA GLU A 302 -28.64 16.98 1.01
C GLU A 302 -28.97 16.41 -0.36
N LEU A 303 -30.14 15.77 -0.48
CA LEU A 303 -30.62 15.24 -1.75
C LEU A 303 -31.16 16.36 -2.64
N ALA A 304 -31.85 17.32 -2.03
CA ALA A 304 -32.44 18.45 -2.75
C ALA A 304 -31.37 19.42 -3.27
N GLU A 305 -30.30 19.60 -2.50
CA GLU A 305 -29.19 20.47 -2.91
C GLU A 305 -28.31 19.81 -3.98
N ASN A 306 -28.28 18.48 -3.99
CA ASN A 306 -27.57 17.73 -5.02
C ASN A 306 -28.29 17.77 -6.38
N ARG A 307 -29.61 17.97 -6.32
CA ARG A 307 -30.41 18.19 -7.54
C ARG A 307 -30.04 19.52 -8.18
N GLU A 308 -29.72 20.51 -7.34
CA GLU A 308 -29.33 21.85 -7.79
C GLU A 308 -27.94 21.87 -8.44
N ILE A 309 -27.05 21.00 -7.97
CA ILE A 309 -25.69 20.86 -8.50
C ILE A 309 -25.73 20.27 -9.91
N LEU A 310 -26.62 19.29 -10.12
CA LEU A 310 -26.75 18.58 -11.39
C LEU A 310 -27.53 19.37 -12.45
N LYS A 311 -28.06 20.53 -12.06
CA LYS A 311 -28.85 21.38 -12.97
C LYS A 311 -27.98 22.04 -14.05
N GLU A 312 -27.01 22.85 -13.63
CA GLU A 312 -26.13 23.56 -14.56
C GLU A 312 -25.05 22.62 -15.12
N PRO A 313 -24.91 22.60 -16.47
CA PRO A 313 -23.95 21.73 -17.15
C PRO A 313 -22.50 22.14 -16.90
N VAL A 314 -21.65 21.16 -16.61
CA VAL A 314 -20.22 21.40 -16.37
C VAL A 314 -19.35 20.54 -17.27
N HIS A 315 -18.08 20.94 -17.43
CA HIS A 315 -17.13 20.24 -18.29
C HIS A 315 -15.76 20.15 -17.66
N GLY A 316 -15.00 19.15 -18.08
CA GLY A 316 -13.64 18.93 -17.59
C GLY A 316 -12.58 19.40 -18.57
N VAL A 317 -11.38 19.65 -18.05
CA VAL A 317 -10.25 20.15 -18.85
C VAL A 317 -9.17 19.08 -18.94
N TYR A 318 -8.47 19.05 -20.09
CA TYR A 318 -7.38 18.10 -20.31
C TYR A 318 -6.07 18.52 -19.66
N TYR A 319 -5.15 17.57 -19.52
CA TYR A 319 -3.87 17.79 -18.85
C TYR A 319 -2.82 18.42 -19.76
N ASP A 320 -2.09 19.39 -19.21
CA ASP A 320 -0.98 20.03 -19.90
C ASP A 320 0.31 19.76 -19.10
N PRO A 321 1.30 19.09 -19.74
CA PRO A 321 2.55 18.70 -19.08
C PRO A 321 3.42 19.86 -18.60
N SER A 322 3.19 21.05 -19.14
CA SER A 322 3.97 22.24 -18.78
C SER A 322 3.55 22.84 -17.45
N LYS A 323 2.24 22.97 -17.22
CA LYS A 323 1.70 23.56 -15.99
C LYS A 323 1.67 22.58 -14.83
N ASP A 324 1.81 23.11 -13.61
CA ASP A 324 1.79 22.31 -12.39
C ASP A 324 0.36 21.96 -11.98
N LEU A 325 0.22 20.84 -11.27
CA LEU A 325 -1.08 20.39 -10.77
C LEU A 325 -1.36 20.97 -9.39
N ILE A 326 -2.56 21.52 -9.21
CA ILE A 326 -2.97 22.11 -7.94
C ILE A 326 -4.27 21.46 -7.43
N ALA A 327 -4.22 20.97 -6.19
CA ALA A 327 -5.39 20.36 -5.54
C ALA A 327 -5.80 21.14 -4.31
N GLU A 328 -7.12 21.26 -4.10
CA GLU A 328 -7.67 22.02 -2.98
C GLU A 328 -8.64 21.17 -2.15
N ILE A 329 -8.53 21.26 -0.84
CA ILE A 329 -9.34 20.47 0.09
C ILE A 329 -10.33 21.35 0.85
N GLN A 330 -11.57 20.88 0.97
CA GLN A 330 -12.60 21.55 1.76
C GLN A 330 -13.33 20.57 2.67
N LYS A 331 -13.52 20.94 3.93
CA LYS A 331 -14.32 20.15 4.87
C LYS A 331 -15.78 20.57 4.76
N GLN A 332 -16.60 19.70 4.18
CA GLN A 332 -18.02 20.02 3.95
C GLN A 332 -18.93 19.62 5.12
N GLY A 333 -18.50 18.66 5.93
CA GLY A 333 -19.28 18.21 7.09
C GLY A 333 -18.63 17.12 7.91
N GLN A 334 -19.46 16.34 8.59
CA GLN A 334 -19.01 15.26 9.46
C GLN A 334 -18.50 14.05 8.67
N GLY A 335 -17.18 13.87 8.66
CA GLY A 335 -16.54 12.78 7.93
C GLY A 335 -16.68 12.90 6.42
N GLN A 336 -16.74 14.13 5.93
CA GLN A 336 -16.89 14.41 4.50
C GLN A 336 -15.91 15.46 4.02
N TRP A 337 -15.24 15.16 2.90
CA TRP A 337 -14.26 16.07 2.30
C TRP A 337 -14.45 16.11 0.81
N THR A 338 -14.20 17.28 0.22
CA THR A 338 -14.31 17.46 -1.23
C THR A 338 -13.05 18.09 -1.82
N TYR A 339 -12.61 17.56 -2.96
CA TYR A 339 -11.42 18.07 -3.64
C TYR A 339 -11.64 18.30 -5.13
N GLN A 340 -11.01 19.37 -5.65
CA GLN A 340 -11.01 19.65 -7.08
C GLN A 340 -9.59 19.95 -7.56
N ILE A 341 -9.16 19.20 -8.59
CA ILE A 341 -7.81 19.31 -9.13
C ILE A 341 -7.81 20.15 -10.40
N TYR A 342 -7.00 21.21 -10.41
CA TYR A 342 -6.95 22.14 -11.54
C TYR A 342 -5.53 22.64 -11.81
N GLN A 343 -5.25 22.94 -13.09
CA GLN A 343 -4.00 23.58 -13.49
C GLN A 343 -4.21 25.08 -13.65
N GLU A 344 -5.39 25.45 -14.13
CA GLU A 344 -5.82 26.84 -14.24
C GLU A 344 -7.05 27.06 -13.37
N PRO A 345 -7.15 28.25 -12.73
CA PRO A 345 -8.28 28.56 -11.85
C PRO A 345 -9.64 28.47 -12.55
N PHE A 346 -10.62 27.93 -11.84
CA PHE A 346 -11.99 27.70 -12.36
C PHE A 346 -12.07 26.66 -13.48
N LYS A 347 -10.91 26.19 -13.94
CA LYS A 347 -10.84 25.17 -14.98
C LYS A 347 -10.44 23.82 -14.38
N ASN A 348 -11.43 23.10 -13.85
CA ASN A 348 -11.21 21.83 -13.17
C ASN A 348 -10.93 20.67 -14.11
N LEU A 349 -9.97 19.83 -13.72
CA LEU A 349 -9.62 18.63 -14.48
C LEU A 349 -10.42 17.44 -13.97
N LYS A 350 -10.44 17.25 -12.66
CA LYS A 350 -11.18 16.16 -12.00
C LYS A 350 -11.52 16.53 -10.56
N THR A 351 -12.73 16.16 -10.14
CA THR A 351 -13.16 16.37 -8.75
C THR A 351 -13.36 15.04 -8.02
N GLY A 352 -13.57 15.10 -6.71
CA GLY A 352 -13.81 13.92 -5.89
C GLY A 352 -14.76 14.17 -4.74
N LYS A 353 -14.94 13.17 -3.89
CA LYS A 353 -15.89 13.25 -2.78
C LYS A 353 -15.43 12.52 -1.50
N TYR A 354 -14.13 12.22 -1.42
CA TYR A 354 -13.57 11.44 -0.31
C TYR A 354 -14.29 11.66 1.02
N ALA A 355 -14.91 10.60 1.51
CA ALA A 355 -15.65 10.64 2.78
C ALA A 355 -15.47 9.33 3.52
N ARG A 356 -14.27 8.75 3.43
CA ARG A 356 -14.03 7.41 3.95
C ARG A 356 -13.58 7.38 5.41
N MET A 357 -14.50 7.78 6.29
CA MET A 357 -14.45 7.40 7.70
C MET A 357 -15.05 5.99 7.70
N ARG A 358 -14.18 4.98 7.75
CA ARG A 358 -14.57 3.58 7.53
C ARG A 358 -15.43 2.98 8.65
N GLY A 359 -16.49 3.68 9.02
CA GLY A 359 -17.35 3.28 10.13
C GLY A 359 -16.73 3.58 11.48
N ALA A 360 -15.53 4.15 11.45
CA ALA A 360 -14.78 4.49 12.66
C ALA A 360 -15.10 5.90 13.14
N HIS A 361 -14.12 6.57 13.74
CA HIS A 361 -14.31 7.90 14.31
C HIS A 361 -13.23 8.88 13.89
N THR A 362 -11.97 8.49 14.08
CA THR A 362 -10.79 9.30 13.72
C THR A 362 -10.85 10.75 14.22
N ASN A 363 -10.20 11.67 13.49
CA ASN A 363 -10.15 13.09 13.87
C ASN A 363 -10.34 14.03 12.67
N ASP A 364 -9.67 15.18 12.71
CA ASP A 364 -9.74 16.18 11.64
C ASP A 364 -8.45 16.31 10.85
N VAL A 365 -7.32 16.33 11.56
CA VAL A 365 -6.01 16.55 10.95
C VAL A 365 -5.51 15.30 10.20
N LYS A 366 -5.59 14.14 10.86
CA LYS A 366 -5.19 12.86 10.28
C LYS A 366 -6.13 12.46 9.14
N GLN A 367 -7.42 12.73 9.30
CA GLN A 367 -8.42 12.44 8.27
C GLN A 367 -8.23 13.30 7.02
N LEU A 368 -7.72 14.52 7.21
CA LEU A 368 -7.34 15.39 6.10
C LEU A 368 -6.10 14.83 5.39
N THR A 369 -5.17 14.30 6.17
CA THR A 369 -3.94 13.71 5.64
C THR A 369 -4.23 12.41 4.89
N GLU A 370 -5.24 11.68 5.34
CA GLU A 370 -5.71 10.47 4.67
C GLU A 370 -6.39 10.81 3.34
N ALA A 371 -6.98 12.01 3.26
CA ALA A 371 -7.55 12.52 2.03
C ALA A 371 -6.46 12.91 1.03
N VAL A 372 -5.42 13.58 1.52
CA VAL A 372 -4.27 13.99 0.72
C VAL A 372 -3.56 12.78 0.11
N GLN A 373 -3.40 11.72 0.91
CA GLN A 373 -2.70 10.52 0.50
C GLN A 373 -3.40 9.76 -0.63
N LYS A 374 -4.74 9.82 -0.64
CA LYS A 374 -5.54 9.17 -1.68
C LYS A 374 -5.41 9.89 -3.03
N ILE A 375 -5.37 11.22 -2.99
CA ILE A 375 -5.23 12.05 -4.20
C ILE A 375 -3.81 11.97 -4.75
N THR A 376 -2.83 11.89 -3.85
CA THR A 376 -1.43 11.74 -4.22
C THR A 376 -1.21 10.46 -5.04
N THR A 377 -1.81 9.36 -4.58
CA THR A 377 -1.76 8.08 -5.27
C THR A 377 -2.59 8.12 -6.57
N GLU A 378 -3.69 8.87 -6.54
CA GLU A 378 -4.57 9.05 -7.69
C GLU A 378 -3.87 9.80 -8.82
N SER A 379 -3.06 10.79 -8.45
CA SER A 379 -2.32 11.61 -9.41
C SER A 379 -1.18 10.85 -10.09
N ILE A 380 -0.62 9.87 -9.39
CA ILE A 380 0.44 9.02 -9.93
C ILE A 380 -0.11 8.12 -11.05
N VAL A 381 -1.32 7.60 -10.84
CA VAL A 381 -1.99 6.75 -11.83
C VAL A 381 -2.42 7.57 -13.05
N ILE A 382 -3.05 8.71 -12.82
CA ILE A 382 -3.65 9.50 -13.89
C ILE A 382 -2.63 10.37 -14.64
N TRP A 383 -1.93 11.24 -13.92
CA TRP A 383 -1.04 12.22 -14.55
C TRP A 383 0.42 11.86 -14.51
N GLY A 384 0.82 11.11 -13.47
CA GLY A 384 2.20 10.63 -13.35
C GLY A 384 3.12 11.53 -12.54
N LYS A 385 2.54 12.50 -11.85
CA LYS A 385 3.31 13.39 -10.96
C LYS A 385 2.49 13.88 -9.78
N THR A 386 3.18 14.22 -8.69
CA THR A 386 2.53 14.67 -7.46
C THR A 386 2.06 16.13 -7.55
N PRO A 387 0.82 16.41 -7.13
CA PRO A 387 0.26 17.76 -7.19
C PRO A 387 0.61 18.62 -5.98
N LYS A 388 0.59 19.95 -6.17
CA LYS A 388 0.76 20.89 -5.08
C LYS A 388 -0.57 21.12 -4.37
N PHE A 389 -0.58 20.94 -3.06
CA PHE A 389 -1.81 21.02 -2.28
C PHE A 389 -2.02 22.39 -1.64
N LYS A 390 -3.29 22.78 -1.52
CA LYS A 390 -3.67 23.99 -0.82
C LYS A 390 -4.72 23.65 0.24
N LEU A 391 -4.25 23.43 1.47
CA LEU A 391 -5.06 22.88 2.54
C LEU A 391 -5.68 23.95 3.44
N PRO A 392 -6.86 23.65 4.03
CA PRO A 392 -7.51 24.57 4.96
C PRO A 392 -6.98 24.43 6.39
N ILE A 393 -5.67 24.27 6.52
CA ILE A 393 -5.01 24.11 7.82
C ILE A 393 -3.71 24.92 7.87
N GLN A 394 -3.46 25.55 9.02
CA GLN A 394 -2.26 26.35 9.23
C GLN A 394 -1.04 25.47 9.50
N LYS A 395 0.14 26.01 9.23
CA LYS A 395 1.40 25.30 9.48
C LYS A 395 1.72 25.18 10.97
N GLU A 396 1.11 26.05 11.77
CA GLU A 396 1.24 26.02 13.22
C GLU A 396 0.57 24.78 13.82
N THR A 397 -0.61 24.44 13.28
CA THR A 397 -1.39 23.30 13.76
C THR A 397 -0.82 21.97 13.25
N TRP A 398 -0.37 21.98 12.00
CA TRP A 398 0.20 20.78 11.35
C TRP A 398 1.44 20.28 12.05
N GLU A 399 2.28 21.21 12.48
CA GLU A 399 3.52 20.86 13.18
C GLU A 399 3.28 20.36 14.61
N THR A 400 2.26 20.91 15.26
CA THR A 400 1.92 20.56 16.64
C THR A 400 1.36 19.14 16.74
N TRP A 401 0.58 18.74 15.74
CA TRP A 401 -0.05 17.42 15.71
C TRP A 401 0.91 16.31 15.39
N TRP A 402 1.72 16.49 14.36
CA TRP A 402 2.58 15.41 13.85
C TRP A 402 3.85 15.19 14.63
N THR A 403 4.16 16.08 15.56
CA THR A 403 5.29 15.91 16.46
C THR A 403 4.92 15.08 17.69
N GLU A 404 3.68 15.23 18.15
CA GLU A 404 3.19 14.49 19.31
C GLU A 404 2.57 13.14 18.93
N TYR A 405 2.29 12.95 17.64
CA TYR A 405 1.67 11.73 17.15
C TYR A 405 2.72 10.68 16.77
N TRP A 406 2.38 9.42 17.01
CA TRP A 406 3.29 8.30 16.78
C TRP A 406 3.47 7.94 15.33
N GLN A 407 2.42 8.12 14.54
CA GLN A 407 2.43 7.71 13.13
C GLN A 407 3.16 8.72 12.25
N ALA A 408 4.03 8.20 11.38
CA ALA A 408 4.83 9.03 10.48
C ALA A 408 4.11 9.28 9.16
N THR A 409 4.31 10.47 8.60
CA THR A 409 3.76 10.85 7.30
C THR A 409 4.60 11.98 6.67
N TRP A 410 4.42 12.20 5.36
CA TRP A 410 5.12 13.27 4.66
C TRP A 410 4.34 13.83 3.50
N VAL A 411 4.06 15.08 3.50
CA VAL A 411 3.47 15.82 2.39
C VAL A 411 4.51 16.84 1.92
N PRO A 412 5.14 16.65 0.81
CA PRO A 412 6.26 17.46 0.30
C PRO A 412 5.90 18.92 0.04
N GLU A 413 4.83 19.16 -0.73
CA GLU A 413 4.43 20.51 -1.10
C GLU A 413 2.97 20.80 -0.76
N TRP A 414 2.77 21.72 0.18
CA TRP A 414 1.43 22.16 0.55
C TRP A 414 1.41 23.58 1.08
N GLU A 415 0.33 24.30 0.79
CA GLU A 415 0.17 25.70 1.19
C GLU A 415 -1.11 25.92 2.00
N PHE A 416 -1.21 27.09 2.63
CA PHE A 416 -2.37 27.43 3.46
C PHE A 416 -3.37 28.33 2.73
N VAL A 417 -4.64 27.94 2.78
CA VAL A 417 -5.74 28.72 2.21
C VAL A 417 -6.88 28.81 3.22
N ASN A 418 -7.31 30.05 3.50
CA ASN A 418 -8.40 30.30 4.44
C ASN A 418 -9.78 30.06 3.80
N THR A 419 -10.46 29.02 4.26
CA THR A 419 -11.80 28.68 3.81
C THR A 419 -12.80 28.84 4.96
N PRO A 420 -14.07 29.17 4.64
CA PRO A 420 -15.12 29.31 5.67
C PRO A 420 -15.18 28.16 6.69
N PRO A 421 -15.08 26.89 6.25
CA PRO A 421 -14.99 25.84 7.27
C PRO A 421 -13.53 25.41 7.49
N LEU A 422 -12.83 26.15 8.35
CA LEU A 422 -11.44 25.84 8.69
C LEU A 422 -11.33 24.61 9.59
N VAL A 423 -10.22 23.89 9.45
CA VAL A 423 -9.92 22.76 10.31
C VAL A 423 -9.26 23.29 11.58
N LYS A 424 -9.90 23.05 12.72
CA LYS A 424 -9.46 23.62 13.99
C LYS A 424 -9.16 22.58 15.05
N LEU A 425 -7.96 22.66 15.62
CA LEU A 425 -7.57 21.85 16.77
C LEU A 425 -8.13 22.55 18.02
N TRP A 426 -8.99 21.84 18.74
CA TRP A 426 -9.75 22.44 19.84
C TRP A 426 -8.94 22.72 21.07
N TYR A 427 -8.30 21.69 21.61
CA TYR A 427 -7.59 21.80 22.89
C TYR A 427 -6.24 21.09 22.91
N GLN A 428 -5.38 21.51 23.84
CA GLN A 428 -4.12 20.83 24.12
C GLN A 428 -3.94 20.62 25.63
N LEU A 429 -3.60 19.39 25.99
CA LEU A 429 -3.35 19.04 27.39
C LEU A 429 -1.98 19.53 27.85
N GLU A 430 -1.86 19.80 29.14
CA GLU A 430 -0.61 20.29 29.73
C GLU A 430 0.46 19.20 29.78
N LYS A 431 1.70 19.59 29.58
CA LYS A 431 2.84 18.68 29.62
C LYS A 431 3.27 18.39 31.06
N GLU A 432 3.13 19.39 31.92
CA GLU A 432 3.52 19.29 33.33
C GLU A 432 2.32 19.56 34.25
N PRO A 433 2.34 18.97 35.47
CA PRO A 433 1.26 19.17 36.45
C PRO A 433 1.08 20.63 36.87
N ILE A 434 -0.16 21.01 37.17
CA ILE A 434 -0.50 22.40 37.50
C ILE A 434 -0.46 22.63 39.01
N VAL A 435 0.21 23.70 39.42
CA VAL A 435 0.30 24.09 40.82
C VAL A 435 -0.97 24.79 41.31
N GLY A 436 -1.38 24.47 42.53
CA GLY A 436 -2.59 25.06 43.14
C GLY A 436 -3.89 24.45 42.64
N ALA A 437 -3.81 23.64 41.59
CA ALA A 437 -4.97 22.99 41.01
C ALA A 437 -5.43 21.81 41.86
N GLU A 438 -6.75 21.59 41.87
CA GLU A 438 -7.34 20.49 42.63
C GLU A 438 -7.08 19.15 41.94
N THR A 439 -6.51 18.21 42.69
CA THR A 439 -6.18 16.89 42.16
C THR A 439 -7.40 15.97 42.19
N PHE A 440 -7.68 15.34 41.05
CA PHE A 440 -8.83 14.45 40.91
C PHE A 440 -8.38 13.03 40.53
N TYR A 441 -8.40 12.13 41.50
CA TYR A 441 -8.19 10.71 41.24
C TYR A 441 -9.51 10.10 40.77
N VAL A 442 -9.47 9.44 39.61
CA VAL A 442 -10.70 8.99 38.96
C VAL A 442 -10.63 7.51 38.55
N ASP A 443 -11.78 6.82 38.66
CA ASP A 443 -11.89 5.41 38.31
C ASP A 443 -13.34 5.00 38.03
N GLY A 444 -13.51 4.02 37.15
CA GLY A 444 -14.83 3.47 36.83
C GLY A 444 -14.81 1.96 36.69
N ALA A 445 -15.85 1.31 37.22
CA ALA A 445 -15.95 -0.15 37.18
C ALA A 445 -17.36 -0.60 36.79
N ALA A 446 -17.44 -1.68 36.00
CA ALA A 446 -18.72 -2.22 35.54
C ALA A 446 -18.66 -3.73 35.33
N SER A 447 -19.82 -4.38 35.42
CA SER A 447 -19.93 -5.82 35.16
C SER A 447 -20.90 -6.06 34.00
N ARG A 448 -20.55 -7.00 33.12
CA ARG A 448 -21.37 -7.31 31.95
C ARG A 448 -22.66 -8.08 32.28
N GLU A 449 -22.77 -8.56 33.51
CA GLU A 449 -24.02 -9.13 34.02
C GLU A 449 -24.94 -8.01 34.48
N THR A 450 -26.17 -7.99 33.93
CA THR A 450 -27.16 -6.94 34.20
C THR A 450 -26.75 -5.58 33.62
N LYS A 451 -25.46 -5.43 33.32
CA LYS A 451 -24.86 -4.20 32.77
C LYS A 451 -25.03 -2.99 33.70
N LEU A 452 -24.46 -3.11 34.90
CA LEU A 452 -24.48 -2.04 35.89
C LEU A 452 -23.07 -1.57 36.20
N GLY A 453 -22.90 -0.25 36.32
CA GLY A 453 -21.58 0.34 36.55
C GLY A 453 -21.59 1.56 37.45
N LYS A 454 -20.43 1.86 38.03
CA LYS A 454 -20.27 3.01 38.92
C LYS A 454 -19.09 3.88 38.52
N ALA A 455 -19.26 5.20 38.64
CA ALA A 455 -18.21 6.16 38.35
C ALA A 455 -18.05 7.15 39.49
N GLY A 456 -16.81 7.42 39.88
CA GLY A 456 -16.53 8.31 41.01
C GLY A 456 -15.16 8.98 40.98
N TYR A 457 -14.98 9.95 41.86
CA TYR A 457 -13.71 10.68 42.00
C TYR A 457 -13.40 10.99 43.47
N VAL A 458 -12.11 11.03 43.79
CA VAL A 458 -11.66 11.40 45.14
C VAL A 458 -10.58 12.47 45.03
N THR A 459 -10.79 13.59 45.73
CA THR A 459 -9.87 14.73 45.70
C THR A 459 -8.94 14.76 46.90
N ASN A 460 -7.85 15.51 46.78
CA ASN A 460 -6.93 15.73 47.89
C ASN A 460 -7.49 16.69 48.94
N LYS A 461 -8.51 17.44 48.56
CA LYS A 461 -9.19 18.38 49.46
C LYS A 461 -10.23 17.69 50.35
N GLY A 462 -10.79 16.58 49.86
CA GLY A 462 -11.71 15.76 50.64
C GLY A 462 -13.03 15.41 49.97
N ARG A 463 -13.46 16.23 49.02
CA ARG A 463 -14.76 16.06 48.36
C ARG A 463 -14.80 14.87 47.40
N GLN A 464 -15.96 14.22 47.34
CA GLN A 464 -16.16 13.03 46.49
C GLN A 464 -17.62 12.85 46.07
N LYS A 465 -17.82 12.14 44.95
CA LYS A 465 -19.16 11.86 44.43
C LYS A 465 -19.17 10.55 43.62
N VAL A 466 -20.13 9.68 43.92
CA VAL A 466 -20.30 8.39 43.24
C VAL A 466 -21.72 8.27 42.68
N VAL A 467 -21.82 7.82 41.43
CA VAL A 467 -23.13 7.62 40.77
C VAL A 467 -23.27 6.21 40.19
N THR A 468 -24.52 5.81 39.92
CA THR A 468 -24.82 4.51 39.31
C THR A 468 -25.42 4.68 37.92
N LEU A 469 -25.12 3.72 37.03
CA LEU A 469 -25.57 3.78 35.63
C LEU A 469 -26.23 2.48 35.17
N THR A 470 -27.04 2.58 34.12
CA THR A 470 -27.71 1.42 33.52
C THR A 470 -27.27 1.23 32.06
N ASP A 471 -27.15 -0.04 31.66
CA ASP A 471 -26.69 -0.42 30.32
C ASP A 471 -25.34 0.23 29.98
N THR A 472 -24.29 -0.23 30.65
CA THR A 472 -22.96 0.36 30.53
C THR A 472 -21.83 -0.67 30.63
N THR A 473 -20.68 -0.32 30.06
CA THR A 473 -19.48 -1.15 30.11
C THR A 473 -18.36 -0.47 30.89
N ASN A 474 -17.24 -1.17 31.06
CA ASN A 474 -16.06 -0.65 31.77
C ASN A 474 -15.44 0.56 31.06
N GLN A 475 -15.52 0.57 29.74
CA GLN A 475 -15.01 1.66 28.92
C GLN A 475 -15.86 2.92 29.03
N LYS A 476 -17.16 2.74 29.25
CA LYS A 476 -18.11 3.85 29.39
C LYS A 476 -18.09 4.48 30.78
N THR A 477 -17.95 3.63 31.81
CA THR A 477 -17.95 4.08 33.20
C THR A 477 -16.70 4.90 33.55
N GLU A 478 -15.57 4.50 32.98
CA GLU A 478 -14.31 5.22 33.16
C GLU A 478 -14.36 6.58 32.45
N LEU A 479 -15.08 6.62 31.33
CA LEU A 479 -15.26 7.84 30.56
C LEU A 479 -16.26 8.78 31.24
N GLN A 480 -17.24 8.20 31.93
CA GLN A 480 -18.22 8.96 32.72
C GLN A 480 -17.58 9.60 33.96
N ALA A 481 -16.57 8.92 34.50
CA ALA A 481 -15.87 9.39 35.70
C ALA A 481 -15.11 10.70 35.46
N ILE A 482 -14.45 10.79 34.30
CA ILE A 482 -13.71 12.00 33.91
C ILE A 482 -14.66 13.17 33.63
N HIS A 483 -15.86 12.83 33.13
CA HIS A 483 -16.91 13.83 32.89
C HIS A 483 -17.36 14.46 34.17
N LEU A 484 -17.45 13.65 35.23
CA LEU A 484 -17.79 14.13 36.58
C LEU A 484 -16.62 14.91 37.19
N ALA A 485 -15.41 14.54 36.81
CA ALA A 485 -14.19 15.21 37.27
C ALA A 485 -14.01 16.58 36.62
N LEU A 486 -14.66 16.79 35.48
CA LEU A 486 -14.64 18.07 34.78
C LEU A 486 -15.89 18.90 35.09
N GLN A 487 -16.95 18.23 35.55
CA GLN A 487 -18.21 18.87 35.88
C GLN A 487 -18.14 19.64 37.20
N ASP A 488 -17.44 19.07 38.18
CA ASP A 488 -17.39 19.62 39.53
C ASP A 488 -16.12 20.42 39.83
N SER A 489 -15.17 20.39 38.89
CA SER A 489 -13.88 21.07 39.08
C SER A 489 -13.91 22.53 38.63
N GLY A 490 -12.84 23.26 38.93
CA GLY A 490 -12.70 24.67 38.56
C GLY A 490 -12.17 24.84 37.15
N LEU A 491 -11.12 25.65 37.01
CA LEU A 491 -10.51 25.93 35.71
C LEU A 491 -9.21 25.16 35.51
N GLU A 492 -8.28 25.30 36.46
CA GLU A 492 -7.05 24.50 36.47
C GLU A 492 -7.32 23.18 37.18
N VAL A 493 -7.16 22.07 36.45
CA VAL A 493 -7.50 20.75 36.97
C VAL A 493 -6.39 19.73 36.71
N ASN A 494 -6.13 18.89 37.71
CA ASN A 494 -5.24 17.74 37.57
C ASN A 494 -6.01 16.44 37.71
N ILE A 495 -6.10 15.67 36.63
CA ILE A 495 -6.89 14.43 36.61
C ILE A 495 -5.99 13.20 36.45
N VAL A 496 -6.19 12.22 37.33
CA VAL A 496 -5.44 10.96 37.29
C VAL A 496 -6.40 9.79 37.06
N THR A 497 -6.12 9.01 36.03
CA THR A 497 -6.94 7.83 35.69
C THR A 497 -6.07 6.59 35.49
N ASP A 498 -6.68 5.41 35.63
CA ASP A 498 -5.97 4.14 35.47
C ASP A 498 -6.22 3.41 34.15
N SER A 499 -6.93 4.08 33.24
CA SER A 499 -7.28 3.48 31.95
C SER A 499 -6.42 4.01 30.81
N GLN A 500 -5.92 3.10 29.98
CA GLN A 500 -5.17 3.44 28.78
C GLN A 500 -6.13 3.82 27.65
N TYR A 501 -7.35 3.30 27.73
CA TYR A 501 -8.42 3.59 26.78
C TYR A 501 -8.92 5.03 26.92
N ALA A 502 -9.20 5.45 28.14
CA ALA A 502 -9.71 6.78 28.43
C ALA A 502 -8.66 7.85 28.18
N LEU A 503 -7.40 7.52 28.45
CA LEU A 503 -6.27 8.42 28.19
C LEU A 503 -6.03 8.58 26.69
N GLY A 504 -6.16 7.48 25.94
CA GLY A 504 -5.90 7.45 24.50
C GLY A 504 -6.86 8.27 23.65
N ILE A 505 -8.12 8.33 24.07
CA ILE A 505 -9.15 9.07 23.34
C ILE A 505 -9.00 10.58 23.52
N ILE A 506 -8.84 11.01 24.77
CA ILE A 506 -8.70 12.43 25.12
C ILE A 506 -7.40 13.02 24.55
N GLN A 507 -6.36 12.19 24.48
CA GLN A 507 -5.07 12.60 23.90
C GLN A 507 -5.18 12.83 22.39
N ALA A 508 -6.18 12.21 21.77
CA ALA A 508 -6.54 12.47 20.38
C ALA A 508 -7.69 13.49 20.32
N GLN A 509 -8.11 13.84 19.11
CA GLN A 509 -9.18 14.83 18.91
C GLN A 509 -10.34 14.28 18.08
N PRO A 510 -11.18 13.41 18.69
CA PRO A 510 -12.25 12.73 17.94
C PRO A 510 -13.30 13.67 17.34
N ASP A 511 -13.23 13.85 16.03
CA ASP A 511 -14.22 14.64 15.30
C ASP A 511 -15.23 13.72 14.61
N GLN A 512 -16.14 13.18 15.41
CA GLN A 512 -17.19 12.28 14.91
C GLN A 512 -18.28 12.11 15.96
N SER A 513 -19.32 11.35 15.60
CA SER A 513 -20.37 11.00 16.54
C SER A 513 -19.96 9.76 17.34
N GLU A 514 -18.88 9.90 18.11
CA GLU A 514 -18.40 8.81 18.97
C GLU A 514 -19.25 8.71 20.23
N SER A 515 -20.56 8.92 20.05
CA SER A 515 -21.59 8.74 21.08
C SER A 515 -21.52 9.70 22.27
N GLU A 516 -22.37 10.73 22.22
CA GLU A 516 -22.79 11.51 23.40
C GLU A 516 -21.68 11.98 24.35
N LEU A 517 -21.13 11.02 25.10
CA LEU A 517 -20.16 11.26 26.17
C LEU A 517 -18.88 11.96 25.71
N VAL A 518 -18.33 11.49 24.59
CA VAL A 518 -17.05 11.99 24.05
C VAL A 518 -17.16 13.47 23.66
N ASN A 519 -18.26 13.82 22.99
CA ASN A 519 -18.52 15.20 22.56
C ASN A 519 -18.71 16.17 23.74
N GLN A 520 -19.17 15.64 24.87
CA GLN A 520 -19.35 16.43 26.09
C GLN A 520 -18.02 16.74 26.77
N ILE A 521 -17.12 15.76 26.79
CA ILE A 521 -15.79 15.93 27.39
C ILE A 521 -14.95 16.91 26.58
N ILE A 522 -14.98 16.80 25.25
CA ILE A 522 -14.29 17.71 24.34
C ILE A 522 -14.79 19.15 24.55
N GLU A 523 -16.11 19.30 24.67
CA GLU A 523 -16.73 20.61 24.91
C GLU A 523 -16.37 21.19 26.27
N GLN A 524 -16.18 20.31 27.27
CA GLN A 524 -15.78 20.72 28.61
C GLN A 524 -14.34 21.23 28.65
N LEU A 525 -13.46 20.56 27.90
CA LEU A 525 -12.03 20.89 27.88
C LEU A 525 -11.72 22.22 27.19
N ILE A 526 -12.60 22.65 26.29
CA ILE A 526 -12.47 23.95 25.62
C ILE A 526 -12.75 25.08 26.61
N LYS A 527 -13.71 24.86 27.50
CA LYS A 527 -14.09 25.85 28.51
C LYS A 527 -13.01 26.08 29.56
N LYS A 528 -12.25 25.03 29.86
CA LYS A 528 -11.18 25.10 30.86
C LYS A 528 -9.94 25.82 30.33
N GLU A 529 -9.15 26.40 31.23
CA GLU A 529 -7.92 27.08 30.88
C GLU A 529 -6.76 26.10 30.67
N LYS A 530 -6.41 25.38 31.74
CA LYS A 530 -5.31 24.40 31.71
C LYS A 530 -5.74 23.08 32.34
N VAL A 531 -5.48 21.99 31.65
CA VAL A 531 -5.81 20.64 32.14
C VAL A 531 -4.62 19.69 31.96
N TYR A 532 -4.22 19.04 33.05
CA TYR A 532 -3.18 18.01 33.02
C TYR A 532 -3.79 16.64 33.29
N LEU A 533 -3.44 15.67 32.44
CA LEU A 533 -3.95 14.30 32.55
C LEU A 533 -2.81 13.30 32.60
N ALA A 534 -2.84 12.44 33.62
CA ALA A 534 -1.81 11.43 33.84
C ALA A 534 -2.39 10.02 34.01
N TRP A 535 -1.56 9.01 33.77
CA TRP A 535 -1.98 7.62 33.87
C TRP A 535 -1.20 6.86 34.91
N VAL A 536 -1.91 6.02 35.66
CA VAL A 536 -1.30 5.15 36.67
C VAL A 536 -1.71 3.68 36.47
N PRO A 537 -0.83 2.73 36.84
CA PRO A 537 -1.19 1.31 36.75
C PRO A 537 -2.24 0.92 37.79
N ALA A 538 -3.24 0.14 37.37
CA ALA A 538 -4.33 -0.28 38.24
C ALA A 538 -3.93 -1.47 39.12
N HIS A 539 -4.54 -1.54 40.30
CA HIS A 539 -4.31 -2.60 41.29
C HIS A 539 -2.87 -2.72 41.70
N LYS A 540 -2.24 -1.58 42.00
CA LYS A 540 -0.84 -1.55 42.39
C LYS A 540 -0.65 -0.97 43.80
N GLY A 541 -1.75 -0.49 44.38
CA GLY A 541 -1.74 0.07 45.73
C GLY A 541 -1.23 1.50 45.80
N ILE A 542 -1.51 2.27 44.74
CA ILE A 542 -1.12 3.67 44.68
C ILE A 542 -2.15 4.52 45.42
N GLY A 543 -1.66 5.42 46.28
CA GLY A 543 -2.51 6.31 47.06
C GLY A 543 -3.33 7.25 46.17
N GLY A 544 -4.62 7.35 46.48
CA GLY A 544 -5.55 8.13 45.67
C GLY A 544 -6.38 7.24 44.77
N ASN A 545 -5.70 6.45 43.94
CA ASN A 545 -6.35 5.50 43.04
C ASN A 545 -6.98 4.32 43.78
N GLU A 546 -6.40 3.97 44.92
CA GLU A 546 -6.88 2.88 45.76
C GLU A 546 -8.23 3.23 46.42
N GLN A 547 -8.38 4.49 46.80
CA GLN A 547 -9.58 4.98 47.48
C GLN A 547 -10.81 5.05 46.56
N VAL A 548 -10.58 5.37 45.29
CA VAL A 548 -11.66 5.47 44.30
C VAL A 548 -12.15 4.09 43.89
N ASP A 549 -11.20 3.16 43.71
CA ASP A 549 -11.49 1.79 43.26
C ASP A 549 -12.38 1.02 44.22
N LYS A 550 -12.20 1.27 45.52
CA LYS A 550 -13.01 0.63 46.57
C LYS A 550 -14.45 1.13 46.57
N LEU A 551 -14.66 2.36 46.11
CA LEU A 551 -15.98 2.98 46.08
C LEU A 551 -16.80 2.55 44.86
N VAL A 552 -16.15 2.49 43.69
CA VAL A 552 -16.83 2.14 42.44
C VAL A 552 -17.09 0.64 42.30
N SER A 553 -16.26 -0.19 42.94
CA SER A 553 -16.43 -1.64 42.91
C SER A 553 -16.96 -2.18 44.23
N ALA A 554 -17.85 -1.40 44.86
CA ALA A 554 -18.45 -1.77 46.14
C ALA A 554 -19.49 -2.88 45.99
N GLY A 555 -20.36 -2.73 44.98
CA GLY A 555 -21.39 -3.73 44.69
C GLY A 555 -21.08 -4.57 43.47
N ILE A 556 -19.87 -4.39 42.92
CA ILE A 556 -19.43 -5.12 41.74
C ILE A 556 -18.25 -6.03 42.08
N THR B 8 24.31 -24.46 -17.05
CA THR B 8 22.84 -24.42 -16.78
C THR B 8 22.42 -25.45 -15.72
N VAL B 9 21.34 -25.14 -15.01
CA VAL B 9 20.82 -26.00 -13.94
C VAL B 9 19.30 -25.89 -13.83
N PRO B 10 18.59 -27.04 -13.81
CA PRO B 10 17.13 -27.06 -13.67
C PRO B 10 16.64 -26.56 -12.31
N VAL B 11 15.61 -25.71 -12.34
CA VAL B 11 15.02 -25.14 -11.12
C VAL B 11 13.51 -25.43 -11.07
N LYS B 12 13.04 -25.92 -9.93
CA LYS B 12 11.63 -26.23 -9.73
C LYS B 12 11.05 -25.51 -8.51
N LEU B 13 9.74 -25.23 -8.56
CA LEU B 13 9.03 -24.58 -7.46
C LEU B 13 8.73 -25.55 -6.32
N LYS B 14 8.26 -25.02 -5.20
CA LYS B 14 7.79 -25.84 -4.08
C LYS B 14 6.46 -26.49 -4.47
N PRO B 15 6.36 -27.82 -4.32
CA PRO B 15 5.18 -28.58 -4.74
C PRO B 15 3.89 -28.09 -4.09
N GLY B 16 2.89 -27.78 -4.92
CA GLY B 16 1.61 -27.27 -4.44
C GLY B 16 1.37 -25.82 -4.82
N MET B 17 2.41 -24.99 -4.64
CA MET B 17 2.31 -23.56 -4.92
C MET B 17 2.60 -23.21 -6.37
N ASP B 18 1.86 -22.24 -6.90
CA ASP B 18 2.04 -21.75 -8.26
C ASP B 18 3.05 -20.61 -8.28
N GLY B 19 3.26 -20.00 -9.45
CA GLY B 19 4.19 -18.88 -9.61
C GLY B 19 3.66 -17.57 -9.04
N PRO B 20 4.51 -16.52 -9.02
CA PRO B 20 4.15 -15.24 -8.41
C PRO B 20 3.18 -14.42 -9.27
N LYS B 21 2.05 -14.05 -8.69
CA LYS B 21 1.04 -13.22 -9.36
C LYS B 21 0.72 -11.99 -8.52
N VAL B 22 1.55 -10.96 -8.66
CA VAL B 22 1.42 -9.74 -7.86
C VAL B 22 1.08 -8.53 -8.73
N LYS B 23 0.24 -7.65 -8.21
CA LYS B 23 -0.17 -6.42 -8.91
C LYS B 23 0.95 -5.38 -8.90
N GLN B 24 1.10 -4.67 -10.01
CA GLN B 24 2.11 -3.63 -10.16
C GLN B 24 1.64 -2.31 -9.55
N TRP B 25 2.48 -1.73 -8.70
CA TRP B 25 2.20 -0.44 -8.08
C TRP B 25 2.53 0.68 -9.03
N PRO B 26 1.61 1.67 -9.17
CA PRO B 26 1.79 2.81 -10.08
C PRO B 26 3.08 3.59 -9.82
N LEU B 27 3.72 4.03 -10.91
CA LEU B 27 4.97 4.77 -10.84
C LEU B 27 4.84 6.14 -11.53
N THR B 28 5.77 7.05 -11.22
CA THR B 28 5.77 8.40 -11.76
C THR B 28 6.17 8.42 -13.24
N GLU B 29 5.85 9.52 -13.92
CA GLU B 29 6.15 9.70 -15.34
C GLU B 29 7.65 9.69 -15.63
N GLU B 30 8.44 10.15 -14.66
CA GLU B 30 9.90 10.17 -14.77
C GLU B 30 10.51 8.78 -14.56
N LYS B 31 9.97 8.04 -13.59
CA LYS B 31 10.47 6.70 -13.26
C LYS B 31 10.20 5.67 -14.36
N ILE B 32 9.03 5.75 -14.99
CA ILE B 32 8.66 4.84 -16.07
C ILE B 32 9.57 5.01 -17.29
N LYS B 33 9.78 6.26 -17.69
CA LYS B 33 10.67 6.59 -18.82
C LYS B 33 12.12 6.16 -18.57
N ALA B 34 12.53 6.16 -17.31
CA ALA B 34 13.86 5.71 -16.91
C ALA B 34 14.00 4.19 -17.02
N LEU B 35 12.92 3.48 -16.67
CA LEU B 35 12.90 2.01 -16.73
C LEU B 35 12.87 1.49 -18.17
N VAL B 36 12.17 2.21 -19.05
CA VAL B 36 12.10 1.86 -20.47
C VAL B 36 13.49 1.93 -21.13
N GLU B 37 14.26 2.95 -20.77
CA GLU B 37 15.62 3.14 -21.28
C GLU B 37 16.55 1.99 -20.86
N ILE B 38 16.41 1.54 -19.62
CA ILE B 38 17.24 0.44 -19.09
C ILE B 38 16.82 -0.91 -19.69
N CYS B 39 15.52 -1.14 -19.79
CA CYS B 39 14.97 -2.39 -20.33
C CYS B 39 15.28 -2.59 -21.82
N THR B 40 15.39 -1.48 -22.56
CA THR B 40 15.75 -1.53 -23.98
C THR B 40 17.22 -1.90 -24.14
N GLU B 41 18.06 -1.42 -23.23
CA GLU B 41 19.49 -1.74 -23.22
C GLU B 41 19.72 -3.21 -22.90
N MET B 42 18.97 -3.73 -21.93
CA MET B 42 19.10 -5.12 -21.49
C MET B 42 18.51 -6.12 -22.50
N GLU B 43 17.56 -5.64 -23.31
CA GLU B 43 16.96 -6.47 -24.35
C GLU B 43 17.93 -6.73 -25.50
N LYS B 44 18.71 -5.71 -25.86
CA LYS B 44 19.72 -5.82 -26.92
C LYS B 44 20.93 -6.62 -26.47
N GLU B 45 21.24 -6.56 -25.18
CA GLU B 45 22.36 -7.29 -24.59
C GLU B 45 22.06 -8.78 -24.45
N GLY B 46 20.78 -9.13 -24.40
CA GLY B 46 20.35 -10.52 -24.28
C GLY B 46 20.07 -10.94 -22.85
N LYS B 47 19.74 -9.96 -22.01
CA LYS B 47 19.43 -10.21 -20.60
C LYS B 47 17.95 -10.50 -20.40
N ILE B 48 17.10 -9.75 -21.08
CA ILE B 48 15.65 -9.94 -21.02
C ILE B 48 15.01 -9.96 -22.41
N SER B 49 13.84 -10.59 -22.51
CA SER B 49 13.11 -10.69 -23.77
C SER B 49 11.62 -10.42 -23.59
N LYS B 50 10.99 -9.89 -24.63
CA LYS B 50 9.55 -9.60 -24.62
C LYS B 50 8.72 -10.87 -24.71
N ILE B 51 7.65 -10.92 -23.91
CA ILE B 51 6.72 -12.04 -23.91
C ILE B 51 5.27 -11.59 -23.98
N GLY B 52 4.41 -12.45 -24.54
CA GLY B 52 3.00 -12.13 -24.76
C GLY B 52 2.12 -12.20 -23.52
N PRO B 53 0.79 -12.16 -23.72
CA PRO B 53 -0.18 -12.15 -22.63
C PRO B 53 -0.51 -13.55 -22.09
N GLU B 54 0.08 -14.59 -22.70
CA GLU B 54 -0.15 -15.97 -22.27
C GLU B 54 0.52 -16.30 -20.92
N ASN B 55 1.40 -15.39 -20.48
CA ASN B 55 2.07 -15.51 -19.19
C ASN B 55 1.26 -14.78 -18.11
N PRO B 56 0.67 -15.54 -17.16
CA PRO B 56 -0.15 -14.94 -16.09
C PRO B 56 0.67 -14.42 -14.91
N TYR B 57 1.93 -14.84 -14.82
CA TYR B 57 2.80 -14.49 -13.69
C TYR B 57 3.35 -13.07 -13.81
N ASN B 58 3.40 -12.36 -12.68
CA ASN B 58 3.90 -10.99 -12.65
C ASN B 58 4.72 -10.69 -11.39
N THR B 59 5.68 -9.77 -11.54
CA THR B 59 6.55 -9.35 -10.44
C THR B 59 6.64 -7.82 -10.41
N PRO B 60 6.50 -7.21 -9.22
CA PRO B 60 6.59 -5.75 -9.09
C PRO B 60 7.97 -5.19 -9.44
N VAL B 61 7.99 -4.04 -10.11
CA VAL B 61 9.22 -3.37 -10.49
C VAL B 61 9.22 -1.90 -10.04
N PHE B 62 10.34 -1.47 -9.45
CA PHE B 62 10.49 -0.10 -8.93
C PHE B 62 11.78 0.54 -9.41
N ALA B 63 11.81 1.87 -9.41
CA ALA B 63 12.99 2.62 -9.83
C ALA B 63 13.68 3.29 -8.65
N ILE B 64 14.96 3.01 -8.49
CA ILE B 64 15.78 3.60 -7.42
C ILE B 64 16.96 4.39 -7.99
N LYS B 65 17.63 5.16 -7.13
CA LYS B 65 18.80 5.94 -7.55
C LYS B 65 20.05 5.63 -6.72
N LYS B 66 21.20 5.66 -7.39
CA LYS B 66 22.49 5.38 -6.75
C LYS B 66 23.29 6.65 -6.49
N LYS B 67 24.38 6.51 -5.73
CA LYS B 67 25.24 7.64 -5.39
C LYS B 67 26.50 7.69 -6.26
N ASP B 68 27.16 6.53 -6.41
CA ASP B 68 28.38 6.43 -7.21
C ASP B 68 28.09 6.50 -8.71
N GLY B 69 27.07 5.77 -9.15
CA GLY B 69 26.64 5.79 -10.54
C GLY B 69 25.81 7.04 -10.86
N THR B 70 25.17 7.59 -9.83
CA THR B 70 24.34 8.81 -9.92
C THR B 70 23.10 8.69 -10.82
N LYS B 71 22.98 7.56 -11.53
CA LYS B 71 21.87 7.31 -12.44
C LYS B 71 20.82 6.38 -11.82
N TRP B 72 19.74 6.14 -12.56
CA TRP B 72 18.65 5.27 -12.10
C TRP B 72 19.02 3.81 -12.16
N ARG B 73 18.52 3.06 -11.19
CA ARG B 73 18.73 1.61 -11.13
C ARG B 73 17.40 0.87 -11.09
N LYS B 74 17.36 -0.30 -11.72
CA LYS B 74 16.14 -1.11 -11.78
C LYS B 74 16.08 -2.10 -10.61
N LEU B 75 14.98 -2.03 -9.86
CA LEU B 75 14.75 -2.90 -8.72
C LEU B 75 13.49 -3.74 -8.92
N VAL B 76 13.64 -5.05 -8.85
CA VAL B 76 12.51 -5.97 -9.00
C VAL B 76 12.22 -6.66 -7.67
N ASP B 77 10.98 -6.55 -7.21
CA ASP B 77 10.56 -7.08 -5.91
C ASP B 77 10.22 -8.57 -5.98
N PHE B 78 11.20 -9.41 -5.67
CA PHE B 78 11.04 -10.87 -5.74
C PHE B 78 10.59 -11.49 -4.42
N ARG B 79 10.12 -10.67 -3.48
CA ARG B 79 9.70 -11.12 -2.15
C ARG B 79 8.68 -12.26 -2.19
N GLU B 80 7.72 -12.17 -3.11
CA GLU B 80 6.69 -13.20 -3.25
C GLU B 80 7.26 -14.50 -3.82
N LEU B 81 8.06 -14.38 -4.87
CA LEU B 81 8.67 -15.54 -5.54
C LEU B 81 9.69 -16.28 -4.66
N ASN B 82 10.41 -15.52 -3.84
CA ASN B 82 11.43 -16.08 -2.94
C ASN B 82 10.84 -17.00 -1.86
N LYS B 83 9.59 -16.78 -1.51
CA LYS B 83 8.88 -17.63 -0.54
C LYS B 83 8.44 -18.96 -1.18
N LYS B 84 8.29 -18.95 -2.50
CA LYS B 84 7.84 -20.12 -3.25
C LYS B 84 9.01 -20.95 -3.76
N THR B 85 10.21 -20.39 -3.69
CA THR B 85 11.43 -21.06 -4.13
C THR B 85 12.45 -21.16 -2.99
N GLN B 86 11.95 -21.28 -1.76
CA GLN B 86 12.80 -21.28 -0.57
C GLN B 86 13.55 -22.59 -0.34
N ASP B 87 13.04 -23.69 -0.92
CA ASP B 87 13.66 -25.00 -0.79
C ASP B 87 14.92 -25.14 -1.66
N PHE B 88 15.02 -24.31 -2.69
CA PHE B 88 16.15 -24.35 -3.61
C PHE B 88 17.41 -23.70 -3.05
N TRP B 89 17.25 -22.51 -2.47
CA TRP B 89 18.38 -21.69 -2.03
C TRP B 89 18.71 -21.81 -0.56
N GLU B 90 17.98 -22.67 0.15
CA GLU B 90 18.21 -22.87 1.57
C GLU B 90 18.48 -24.33 1.93
N VAL B 91 17.75 -25.25 1.29
CA VAL B 91 17.88 -26.67 1.56
C VAL B 91 18.76 -27.36 0.50
N GLN B 92 18.45 -27.14 -0.77
CA GLN B 92 19.19 -27.73 -1.88
C GLN B 92 20.56 -27.10 -2.08
N LEU B 93 20.60 -25.77 -2.15
CA LEU B 93 21.84 -25.03 -2.29
C LEU B 93 21.89 -23.85 -1.31
N GLY B 94 22.20 -24.17 -0.05
CA GLY B 94 22.24 -23.17 1.02
C GLY B 94 23.60 -22.54 1.20
N ILE B 95 23.61 -21.26 1.56
CA ILE B 95 24.84 -20.52 1.79
C ILE B 95 25.23 -20.61 3.28
N PRO B 96 26.42 -21.15 3.57
CA PRO B 96 26.91 -21.30 4.94
C PRO B 96 27.19 -19.94 5.61
N HIS B 97 26.88 -19.85 6.90
CA HIS B 97 27.06 -18.61 7.67
C HIS B 97 27.95 -18.83 8.86
N PRO B 98 29.02 -18.02 8.98
CA PRO B 98 29.93 -18.08 10.13
C PRO B 98 29.50 -17.19 11.29
N ALA B 99 29.95 -17.52 12.50
CA ALA B 99 29.61 -16.76 13.70
C ALA B 99 30.76 -15.84 14.14
N GLY B 100 31.70 -15.59 13.23
CA GLY B 100 32.86 -14.75 13.52
C GLY B 100 32.91 -13.44 12.75
N LEU B 101 31.89 -13.20 11.92
CA LEU B 101 31.81 -11.98 11.12
C LEU B 101 31.37 -10.77 11.95
N LYS B 102 30.58 -11.04 12.99
CA LYS B 102 30.05 -9.99 13.87
C LYS B 102 31.11 -9.31 14.74
N LYS B 103 32.28 -9.95 14.85
CA LYS B 103 33.39 -9.40 15.63
C LYS B 103 34.55 -8.97 14.72
N LYS B 104 34.59 -7.67 14.42
CA LYS B 104 35.64 -7.09 13.57
C LYS B 104 35.86 -5.62 13.89
N LYS B 105 36.97 -5.06 13.39
CA LYS B 105 37.30 -3.66 13.59
C LYS B 105 36.69 -2.77 12.50
N SER B 106 36.79 -3.22 11.25
CA SER B 106 36.24 -2.49 10.10
C SER B 106 35.65 -3.44 9.06
N VAL B 107 34.45 -3.13 8.59
CA VAL B 107 33.76 -3.94 7.58
C VAL B 107 33.35 -3.08 6.38
N THR B 108 33.72 -3.53 5.18
CA THR B 108 33.41 -2.82 3.95
C THR B 108 32.46 -3.64 3.07
N VAL B 109 31.44 -2.98 2.53
CA VAL B 109 30.43 -3.63 1.69
C VAL B 109 30.58 -3.21 0.24
N LEU B 110 30.54 -4.19 -0.67
CA LEU B 110 30.64 -3.95 -2.11
C LEU B 110 29.50 -4.61 -2.88
N ASP B 111 29.09 -3.97 -3.97
CA ASP B 111 28.01 -4.48 -4.81
C ASP B 111 28.57 -5.26 -6.01
N VAL B 112 28.13 -6.52 -6.13
CA VAL B 112 28.56 -7.39 -7.23
C VAL B 112 27.35 -7.94 -8.00
N GLY B 113 26.34 -7.09 -8.19
CA GLY B 113 25.08 -7.48 -8.83
C GLY B 113 25.18 -7.74 -10.33
N ASP B 114 26.21 -7.18 -10.97
CA ASP B 114 26.42 -7.34 -12.41
C ASP B 114 27.02 -8.70 -12.78
N ALA B 115 27.41 -9.48 -11.76
CA ALA B 115 28.02 -10.80 -11.96
C ALA B 115 27.00 -11.85 -12.39
N TYR B 116 25.76 -11.65 -11.96
CA TYR B 116 24.68 -12.60 -12.26
C TYR B 116 24.06 -12.35 -13.64
N PHE B 117 24.47 -11.29 -14.28
CA PHE B 117 23.93 -10.88 -15.57
C PHE B 117 24.60 -11.61 -16.75
N SER B 118 25.35 -12.67 -16.45
CA SER B 118 26.07 -13.44 -17.46
C SER B 118 25.63 -14.92 -17.49
N VAL B 119 25.40 -15.49 -16.31
CA VAL B 119 25.00 -16.90 -16.19
C VAL B 119 23.53 -17.09 -16.59
N PRO B 120 23.28 -17.93 -17.60
CA PRO B 120 21.93 -18.17 -18.13
C PRO B 120 20.98 -18.85 -17.13
N LEU B 121 19.69 -18.56 -17.27
CA LEU B 121 18.65 -19.13 -16.40
C LEU B 121 18.00 -20.33 -17.09
N ASP B 122 17.38 -21.19 -16.28
CA ASP B 122 16.65 -22.37 -16.77
C ASP B 122 15.47 -21.98 -17.65
N GLU B 123 15.34 -22.66 -18.78
CA GLU B 123 14.32 -22.36 -19.81
C GLU B 123 12.89 -22.38 -19.27
N ASP B 124 12.55 -23.43 -18.50
CA ASP B 124 11.20 -23.60 -17.97
C ASP B 124 10.89 -22.63 -16.82
N PHE B 125 11.94 -22.10 -16.20
CA PHE B 125 11.80 -21.20 -15.05
C PHE B 125 11.80 -19.73 -15.47
N ARG B 126 12.08 -19.46 -16.74
CA ARG B 126 12.15 -18.10 -17.28
C ARG B 126 10.82 -17.34 -17.21
N LYS B 127 9.71 -18.08 -17.23
CA LYS B 127 8.36 -17.50 -17.23
C LYS B 127 7.94 -16.91 -15.89
N TYR B 128 8.55 -17.36 -14.81
CA TYR B 128 8.20 -16.91 -13.45
C TYR B 128 8.84 -15.58 -13.07
N THR B 129 9.83 -15.16 -13.86
CA THR B 129 10.54 -13.89 -13.61
C THR B 129 9.96 -12.74 -14.43
N ALA B 130 8.71 -12.90 -14.87
CA ALA B 130 8.03 -11.90 -15.69
C ALA B 130 7.61 -10.67 -14.90
N PHE B 131 7.82 -9.50 -15.48
CA PHE B 131 7.45 -8.22 -14.85
C PHE B 131 6.86 -7.23 -15.84
N THR B 132 5.95 -6.39 -15.36
CA THR B 132 5.24 -5.43 -16.22
C THR B 132 5.61 -3.99 -15.88
N ILE B 133 5.90 -3.20 -16.92
CA ILE B 133 6.13 -1.77 -16.77
C ILE B 133 4.80 -1.04 -16.96
N PRO B 134 4.34 -0.33 -15.91
CA PRO B 134 3.05 0.36 -15.96
C PRO B 134 3.07 1.61 -16.83
N SER B 135 1.89 2.02 -17.30
CA SER B 135 1.76 3.19 -18.15
C SER B 135 0.93 4.29 -17.47
N ILE B 136 1.25 5.54 -17.81
CA ILE B 136 0.55 6.70 -17.26
C ILE B 136 -0.87 6.78 -17.83
N ASN B 137 -1.85 6.71 -16.93
CA ASN B 137 -3.28 6.68 -17.28
C ASN B 137 -3.66 5.52 -18.21
N ASN B 138 -2.90 4.43 -18.13
CA ASN B 138 -3.12 3.22 -18.93
C ASN B 138 -3.38 3.48 -20.42
N GLU B 139 -2.51 4.29 -21.02
CA GLU B 139 -2.61 4.61 -22.45
C GLU B 139 -2.11 3.44 -23.29
N THR B 140 -0.91 2.96 -22.98
CA THR B 140 -0.35 1.76 -23.60
C THR B 140 -0.64 0.54 -22.73
N PRO B 141 -0.86 -0.64 -23.36
CA PRO B 141 -1.20 -1.88 -22.65
C PRO B 141 -0.22 -2.28 -21.54
N GLY B 142 1.03 -1.84 -21.65
CA GLY B 142 2.07 -2.16 -20.66
C GLY B 142 3.10 -3.11 -21.23
N ILE B 143 4.37 -2.73 -21.12
CA ILE B 143 5.47 -3.51 -21.70
C ILE B 143 5.82 -4.70 -20.80
N ARG B 144 5.96 -5.87 -21.42
CA ARG B 144 6.23 -7.11 -20.70
C ARG B 144 7.62 -7.67 -21.01
N TYR B 145 8.30 -8.13 -19.96
CA TYR B 145 9.62 -8.74 -20.08
C TYR B 145 9.79 -9.93 -19.14
N GLN B 146 10.72 -10.81 -19.47
CA GLN B 146 11.13 -11.91 -18.58
C GLN B 146 12.64 -12.11 -18.62
N TYR B 147 13.20 -12.53 -17.49
CA TYR B 147 14.65 -12.73 -17.37
C TYR B 147 15.15 -13.98 -18.08
N ASN B 148 16.23 -13.81 -18.85
CA ASN B 148 16.89 -14.93 -19.51
C ASN B 148 18.12 -15.39 -18.73
N VAL B 149 18.61 -14.52 -17.84
CA VAL B 149 19.76 -14.81 -16.98
C VAL B 149 19.35 -14.75 -15.51
N LEU B 150 20.34 -14.84 -14.61
CA LEU B 150 20.09 -14.74 -13.18
C LEU B 150 19.80 -13.28 -12.78
N PRO B 151 18.60 -13.05 -12.20
CA PRO B 151 18.18 -11.69 -11.83
C PRO B 151 18.64 -11.26 -10.45
N GLN B 152 18.81 -9.94 -10.27
CA GLN B 152 19.14 -9.35 -8.98
C GLN B 152 17.91 -9.30 -8.09
N GLY B 153 18.06 -9.77 -6.85
CA GLY B 153 16.95 -9.81 -5.90
C GLY B 153 16.37 -11.20 -5.71
N TRP B 154 16.76 -12.13 -6.58
CA TRP B 154 16.35 -13.52 -6.48
C TRP B 154 17.35 -14.31 -5.68
N LYS B 155 16.85 -15.12 -4.75
CA LYS B 155 17.69 -15.88 -3.82
C LYS B 155 18.42 -17.05 -4.46
N GLY B 156 17.94 -17.50 -5.62
CA GLY B 156 18.54 -18.61 -6.35
C GLY B 156 19.78 -18.23 -7.13
N SER B 157 19.95 -16.93 -7.38
CA SER B 157 21.09 -16.41 -8.14
C SER B 157 22.45 -16.63 -7.42
N PRO B 158 22.54 -16.28 -6.12
CA PRO B 158 23.79 -16.55 -5.40
C PRO B 158 23.98 -18.04 -5.08
N ALA B 159 22.89 -18.80 -5.11
CA ALA B 159 22.94 -20.24 -4.84
C ALA B 159 23.57 -21.03 -5.99
N ILE B 160 23.27 -20.62 -7.22
CA ILE B 160 23.82 -21.24 -8.43
C ILE B 160 25.26 -20.76 -8.65
N PHE B 161 25.48 -19.47 -8.44
CA PHE B 161 26.80 -18.86 -8.62
C PHE B 161 27.77 -19.25 -7.50
N GLN B 162 27.23 -19.79 -6.41
CA GLN B 162 28.01 -20.22 -5.24
C GLN B 162 29.15 -21.17 -5.59
N SER B 163 28.88 -22.13 -6.48
CA SER B 163 29.87 -23.10 -6.93
C SER B 163 31.00 -22.44 -7.74
N SER B 164 30.69 -21.31 -8.35
CA SER B 164 31.68 -20.53 -9.11
C SER B 164 32.20 -19.32 -8.33
N MET B 165 31.60 -19.07 -7.16
CA MET B 165 31.99 -17.97 -6.29
C MET B 165 33.06 -18.39 -5.28
N THR B 166 32.97 -19.64 -4.84
CA THR B 166 33.93 -20.20 -3.88
C THR B 166 35.29 -20.45 -4.53
N LYS B 167 35.27 -20.79 -5.81
CA LYS B 167 36.49 -21.08 -6.57
C LYS B 167 37.30 -19.81 -6.90
N ILE B 168 36.61 -18.68 -7.04
CA ILE B 168 37.27 -17.41 -7.35
C ILE B 168 37.74 -16.66 -6.10
N LEU B 169 37.14 -16.99 -4.95
CA LEU B 169 37.52 -16.40 -3.67
C LEU B 169 38.55 -17.27 -2.94
N GLU B 170 38.89 -18.41 -3.53
CA GLU B 170 39.88 -19.33 -2.97
C GLU B 170 41.31 -18.77 -2.95
N PRO B 171 41.74 -18.08 -4.03
CA PRO B 171 43.07 -17.45 -3.98
C PRO B 171 43.14 -16.28 -2.99
N PHE B 172 41.99 -15.69 -2.67
CA PHE B 172 41.90 -14.60 -1.71
C PHE B 172 41.84 -15.13 -0.27
N ARG B 173 41.18 -16.28 -0.10
CA ARG B 173 41.05 -16.91 1.22
C ARG B 173 42.34 -17.58 1.68
N LYS B 174 43.08 -18.15 0.72
CA LYS B 174 44.36 -18.79 1.01
C LYS B 174 45.46 -17.77 1.29
N GLN B 175 45.32 -16.58 0.70
CA GLN B 175 46.25 -15.47 0.92
C GLN B 175 46.07 -14.90 2.32
N ASN B 176 44.82 -14.70 2.72
CA ASN B 176 44.48 -14.18 4.04
C ASN B 176 43.56 -15.14 4.80
N PRO B 177 44.15 -16.01 5.64
CA PRO B 177 43.39 -17.02 6.39
C PRO B 177 42.57 -16.43 7.54
N ASP B 178 43.08 -15.37 8.16
CA ASP B 178 42.43 -14.75 9.32
C ASP B 178 41.32 -13.76 8.95
N ILE B 179 41.27 -13.39 7.66
CA ILE B 179 40.24 -12.46 7.17
C ILE B 179 38.99 -13.23 6.73
N VAL B 180 37.83 -12.80 7.23
CA VAL B 180 36.56 -13.48 6.99
C VAL B 180 35.74 -12.78 5.91
N ILE B 181 35.19 -13.57 4.99
CA ILE B 181 34.32 -13.07 3.92
C ILE B 181 32.96 -13.79 3.92
N TYR B 182 31.91 -13.03 3.61
CA TYR B 182 30.55 -13.58 3.58
C TYR B 182 29.74 -12.98 2.42
N GLN B 183 28.98 -13.84 1.74
CA GLN B 183 28.16 -13.42 0.60
C GLN B 183 26.67 -13.56 0.93
N TYR B 184 25.93 -12.47 0.70
CA TYR B 184 24.48 -12.47 0.88
C TYR B 184 23.80 -11.64 -0.20
N MET B 185 22.96 -12.29 -1.00
CA MET B 185 22.26 -11.70 -2.14
C MET B 185 23.22 -11.13 -3.19
N ASP B 186 23.14 -9.83 -3.45
CA ASP B 186 23.99 -9.17 -4.44
C ASP B 186 25.12 -8.36 -3.79
N ASP B 187 25.12 -8.33 -2.46
CA ASP B 187 26.13 -7.59 -1.69
C ASP B 187 27.17 -8.53 -1.10
N LEU B 188 28.43 -8.06 -1.06
CA LEU B 188 29.53 -8.83 -0.50
C LEU B 188 30.05 -8.16 0.78
N TYR B 189 30.17 -8.95 1.84
CA TYR B 189 30.61 -8.45 3.14
C TYR B 189 32.01 -8.97 3.50
N VAL B 190 32.94 -8.04 3.69
CA VAL B 190 34.32 -8.37 4.04
C VAL B 190 34.69 -7.72 5.38
N GLY B 191 35.14 -8.54 6.32
CA GLY B 191 35.55 -8.07 7.64
C GLY B 191 37.04 -8.27 7.91
N SER B 192 37.65 -7.30 8.59
CA SER B 192 39.07 -7.34 8.88
C SER B 192 39.41 -6.64 10.20
N ASP B 193 40.51 -7.08 10.82
CA ASP B 193 41.00 -6.48 12.07
C ASP B 193 42.19 -5.54 11.81
N LEU B 194 42.30 -5.05 10.57
CA LEU B 194 43.40 -4.19 10.16
C LEU B 194 43.12 -2.71 10.43
N GLU B 195 44.15 -1.89 10.25
CA GLU B 195 44.08 -0.45 10.53
C GLU B 195 43.31 0.31 9.43
N ILE B 196 43.04 1.59 9.69
CA ILE B 196 42.28 2.46 8.77
C ILE B 196 42.90 2.55 7.37
N GLY B 197 44.21 2.79 7.31
CA GLY B 197 44.92 2.88 6.04
C GLY B 197 45.14 1.53 5.39
N GLN B 198 45.19 0.49 6.21
CA GLN B 198 45.37 -0.89 5.75
C GLN B 198 44.09 -1.46 5.13
N HIS B 199 42.96 -1.09 5.71
CA HIS B 199 41.65 -1.60 5.28
C HIS B 199 41.27 -1.21 3.88
N ARG B 200 41.53 0.05 3.53
CA ARG B 200 41.18 0.58 2.21
C ARG B 200 42.00 -0.03 1.08
N THR B 201 43.25 -0.40 1.39
CA THR B 201 44.17 -0.98 0.40
C THR B 201 43.86 -2.46 0.13
N LYS B 202 43.56 -3.20 1.18
CA LYS B 202 43.28 -4.64 1.09
C LYS B 202 41.96 -4.95 0.38
N ILE B 203 41.00 -4.03 0.48
CA ILE B 203 39.72 -4.14 -0.22
C ILE B 203 39.92 -3.94 -1.72
N GLU B 204 40.79 -3.00 -2.08
CA GLU B 204 41.12 -2.71 -3.48
C GLU B 204 41.87 -3.87 -4.14
N GLU B 205 42.62 -4.63 -3.35
CA GLU B 205 43.32 -5.83 -3.81
C GLU B 205 42.33 -6.90 -4.27
N LEU B 206 41.20 -6.99 -3.58
CA LEU B 206 40.12 -7.90 -3.95
C LEU B 206 39.29 -7.30 -5.09
N ARG B 207 39.20 -5.98 -5.11
CA ARG B 207 38.46 -5.25 -6.16
C ARG B 207 39.16 -5.34 -7.51
N GLN B 208 40.50 -5.36 -7.49
CA GLN B 208 41.30 -5.52 -8.70
C GLN B 208 41.27 -6.97 -9.20
N HIS B 209 41.02 -7.90 -8.27
CA HIS B 209 40.89 -9.32 -8.59
C HIS B 209 39.59 -9.60 -9.30
N LEU B 210 38.59 -8.76 -9.06
CA LEU B 210 37.29 -8.87 -9.72
C LEU B 210 37.39 -8.59 -11.22
N LEU B 211 38.25 -7.64 -11.58
CA LEU B 211 38.49 -7.28 -12.98
C LEU B 211 39.26 -8.36 -13.75
N ARG B 212 39.98 -9.21 -13.02
CA ARG B 212 40.68 -10.35 -13.60
C ARG B 212 39.69 -11.40 -14.11
N TRP B 213 38.55 -11.52 -13.43
CA TRP B 213 37.47 -12.39 -13.86
C TRP B 213 36.56 -11.68 -14.82
N GLY B 214 36.55 -10.34 -14.73
CA GLY B 214 35.81 -9.51 -15.69
C GLY B 214 34.69 -8.68 -15.09
N LEU B 215 34.18 -9.10 -13.94
CA LEU B 215 33.02 -8.47 -13.31
C LEU B 215 33.40 -7.32 -12.36
N THR B 216 32.45 -6.40 -12.16
CA THR B 216 32.66 -5.26 -11.28
C THR B 216 32.19 -5.56 -9.86
N GLY B 232 31.64 7.44 1.66
CA GLY B 232 31.86 7.16 3.07
C GLY B 232 31.01 6.00 3.58
N TYR B 233 31.30 4.81 3.06
CA TYR B 233 30.57 3.61 3.45
C TYR B 233 31.52 2.59 4.10
N GLU B 234 31.61 2.64 5.43
CA GLU B 234 32.42 1.69 6.19
C GLU B 234 31.81 1.43 7.57
N LEU B 235 31.72 0.15 7.92
CA LEU B 235 31.03 -0.28 9.15
C LEU B 235 31.98 -0.67 10.28
N HIS B 236 31.50 -0.52 11.51
CA HIS B 236 32.23 -0.94 12.70
C HIS B 236 31.33 -1.77 13.58
N PRO B 237 31.43 -3.11 13.45
CA PRO B 237 30.56 -4.02 14.20
C PRO B 237 30.88 -4.11 15.69
N ASP B 238 32.10 -3.75 16.07
CA ASP B 238 32.52 -3.72 17.47
C ASP B 238 31.97 -2.50 18.21
N LYS B 239 31.55 -1.48 17.44
CA LYS B 239 31.01 -0.25 17.99
C LYS B 239 29.48 -0.28 18.13
N TRP B 240 28.88 -1.45 17.87
CA TRP B 240 27.44 -1.62 17.99
C TRP B 240 27.00 -2.00 19.38
N THR B 241 27.85 -1.73 20.37
CA THR B 241 27.57 -2.06 21.77
C THR B 241 26.22 -1.48 22.23
N VAL B 242 25.42 -2.34 22.88
CA VAL B 242 24.07 -1.99 23.30
C VAL B 242 24.07 -0.94 24.41
N GLN B 243 23.45 0.21 24.13
CA GLN B 243 23.32 1.29 25.10
C GLN B 243 22.20 0.97 26.10
N PRO B 244 22.51 1.07 27.41
CA PRO B 244 21.54 0.72 28.44
C PRO B 244 20.50 1.81 28.70
N ILE B 245 19.37 1.42 29.27
CA ILE B 245 18.30 2.35 29.62
C ILE B 245 18.61 2.97 30.99
N VAL B 246 18.75 4.30 31.02
CA VAL B 246 19.04 5.02 32.26
C VAL B 246 17.82 5.74 32.81
N LEU B 247 17.65 5.67 34.13
CA LEU B 247 16.53 6.31 34.82
C LEU B 247 16.88 7.73 35.24
N PRO B 248 15.88 8.64 35.28
CA PRO B 248 16.11 10.04 35.64
C PRO B 248 16.73 10.22 37.02
N GLU B 249 17.88 10.88 37.08
CA GLU B 249 18.57 11.16 38.33
C GLU B 249 18.08 12.50 38.88
N LYS B 250 17.16 12.41 39.84
CA LYS B 250 16.48 13.60 40.38
C LYS B 250 16.90 13.92 41.80
N ASP B 251 17.01 15.21 42.09
CA ASP B 251 17.39 15.69 43.43
C ASP B 251 16.18 15.68 44.38
N SER B 252 15.07 16.22 43.92
CA SER B 252 13.82 16.26 44.69
C SER B 252 12.67 15.65 43.91
N TRP B 253 12.00 14.67 44.52
CA TRP B 253 10.93 13.92 43.85
C TRP B 253 9.57 14.39 44.24
N THR B 254 8.67 14.46 43.25
CA THR B 254 7.27 14.78 43.48
C THR B 254 6.39 13.57 43.17
N VAL B 255 5.12 13.62 43.58
CA VAL B 255 4.16 12.55 43.34
C VAL B 255 4.05 12.21 41.85
N ASN B 256 3.98 13.25 41.02
CA ASN B 256 3.91 13.09 39.56
C ASN B 256 5.13 12.40 38.96
N ASP B 257 6.30 12.66 39.55
CA ASP B 257 7.56 12.05 39.12
C ASP B 257 7.62 10.56 39.46
N ILE B 258 6.99 10.18 40.56
CA ILE B 258 6.91 8.78 40.97
C ILE B 258 5.89 8.02 40.12
N GLN B 259 4.72 8.64 39.92
CA GLN B 259 3.62 8.04 39.15
C GLN B 259 3.99 7.70 37.71
N LYS B 260 4.80 8.57 37.09
CA LYS B 260 5.31 8.32 35.74
C LYS B 260 6.37 7.22 35.74
N LEU B 261 7.15 7.16 36.82
CA LEU B 261 8.21 6.16 36.96
C LEU B 261 7.64 4.76 37.21
N VAL B 262 6.70 4.67 38.15
CA VAL B 262 6.06 3.39 38.50
C VAL B 262 5.35 2.77 37.29
N GLY B 263 4.64 3.60 36.52
CA GLY B 263 3.94 3.15 35.32
C GLY B 263 4.85 2.60 34.24
N LYS B 264 6.03 3.19 34.10
CA LYS B 264 7.02 2.74 33.12
C LYS B 264 7.76 1.49 33.59
N LEU B 265 8.06 1.43 34.89
CA LEU B 265 8.79 0.30 35.48
C LEU B 265 7.95 -0.96 35.61
N ASN B 266 6.66 -0.78 35.90
CA ASN B 266 5.71 -1.90 35.99
C ASN B 266 5.48 -2.59 34.65
N TRP B 267 5.51 -1.80 33.57
CA TRP B 267 5.42 -2.32 32.22
C TRP B 267 6.69 -3.01 31.82
N ALA B 268 7.82 -2.53 32.35
CA ALA B 268 9.13 -3.08 32.04
C ALA B 268 9.47 -4.33 32.87
N SER B 269 8.56 -4.71 33.76
CA SER B 269 8.75 -5.89 34.63
C SER B 269 8.69 -7.20 33.84
N GLN B 270 7.94 -7.21 32.75
CA GLN B 270 7.83 -8.40 31.89
C GLN B 270 9.07 -8.58 31.00
N ILE B 271 9.83 -7.50 30.81
CA ILE B 271 11.11 -7.57 30.11
C ILE B 271 12.22 -7.93 31.09
N TYR B 272 12.35 -7.12 32.15
CA TYR B 272 13.31 -7.36 33.21
C TYR B 272 12.57 -7.80 34.48
N PRO B 273 12.67 -9.11 34.82
CA PRO B 273 11.93 -9.69 35.95
C PRO B 273 12.39 -9.21 37.33
N GLY B 274 13.61 -8.69 37.40
CA GLY B 274 14.18 -8.23 38.66
C GLY B 274 13.61 -6.92 39.19
N ILE B 275 12.94 -6.16 38.31
CA ILE B 275 12.37 -4.87 38.67
C ILE B 275 11.13 -5.01 39.56
N LYS B 276 11.12 -4.25 40.65
CA LYS B 276 9.99 -4.18 41.57
C LYS B 276 9.64 -2.74 41.91
N VAL B 277 8.35 -2.48 42.12
CA VAL B 277 7.85 -1.13 42.43
C VAL B 277 7.15 -1.05 43.78
N ARG B 278 7.32 -2.10 44.59
CA ARG B 278 6.60 -2.24 45.87
C ARG B 278 6.90 -1.12 46.87
N GLN B 279 8.19 -0.77 47.01
CA GLN B 279 8.60 0.26 47.97
C GLN B 279 8.31 1.68 47.46
N LEU B 280 8.28 1.84 46.14
CA LEU B 280 7.95 3.13 45.52
C LEU B 280 6.47 3.45 45.62
N CYS B 281 5.64 2.40 45.64
CA CYS B 281 4.19 2.55 45.77
C CYS B 281 3.76 2.85 47.20
N LYS B 282 4.58 2.43 48.17
CA LYS B 282 4.31 2.68 49.58
C LYS B 282 4.63 4.13 49.97
N LEU B 283 5.30 4.86 49.08
CA LEU B 283 5.56 6.29 49.26
C LEU B 283 4.27 7.09 49.09
N LEU B 284 3.37 6.60 48.23
CA LEU B 284 2.07 7.22 48.03
C LEU B 284 1.03 6.59 48.97
N ARG B 285 0.74 7.29 50.06
CA ARG B 285 -0.26 6.84 51.02
C ARG B 285 -1.44 7.81 51.03
N GLY B 286 -2.58 7.35 50.51
CA GLY B 286 -3.78 8.16 50.41
C GLY B 286 -3.72 9.19 49.29
N THR B 287 -4.78 9.98 49.17
CA THR B 287 -4.88 10.99 48.11
C THR B 287 -3.89 12.14 48.31
N LYS B 288 -3.11 12.42 47.26
CA LYS B 288 -2.07 13.45 47.29
C LYS B 288 -2.00 14.24 45.99
N ALA B 289 -1.60 15.51 46.09
CA ALA B 289 -1.42 16.36 44.91
C ALA B 289 -0.17 15.95 44.13
N LEU B 290 -0.16 16.23 42.83
CA LEU B 290 0.95 15.85 41.95
C LEU B 290 2.24 16.62 42.26
N THR B 291 2.10 17.87 42.71
CA THR B 291 3.24 18.73 43.02
C THR B 291 3.85 18.39 44.38
N GLU B 292 3.09 17.68 45.22
CA GLU B 292 3.52 17.31 46.57
C GLU B 292 4.86 16.55 46.57
N VAL B 293 5.82 17.08 47.31
CA VAL B 293 7.19 16.56 47.32
C VAL B 293 7.34 15.38 48.30
N ILE B 294 7.62 14.21 47.75
CA ILE B 294 7.80 13.00 48.55
C ILE B 294 9.29 12.67 48.74
N PRO B 295 9.75 12.65 50.00
CA PRO B 295 11.13 12.24 50.30
C PRO B 295 11.28 10.72 50.19
N LEU B 296 12.42 10.27 49.66
CA LEU B 296 12.68 8.85 49.48
C LEU B 296 13.33 8.21 50.71
N THR B 297 12.75 7.10 51.15
CA THR B 297 13.20 6.40 52.34
C THR B 297 14.40 5.49 52.07
N GLU B 298 14.82 4.74 53.10
CA GLU B 298 15.94 3.81 52.99
C GLU B 298 15.63 2.65 52.04
N GLU B 299 14.38 2.21 52.04
CA GLU B 299 13.93 1.11 51.19
C GLU B 299 13.69 1.56 49.75
N ALA B 300 13.16 2.78 49.59
CA ALA B 300 12.85 3.33 48.28
C ALA B 300 14.09 3.65 47.44
N GLU B 301 15.12 4.14 48.11
CA GLU B 301 16.41 4.45 47.47
C GLU B 301 17.16 3.18 47.08
N LEU B 302 17.06 2.16 47.92
CA LEU B 302 17.76 0.89 47.71
C LEU B 302 17.09 0.04 46.62
N GLU B 303 15.78 0.19 46.48
CA GLU B 303 15.02 -0.50 45.42
C GLU B 303 15.31 0.12 44.05
N LEU B 304 15.32 1.45 44.00
CA LEU B 304 15.54 2.18 42.76
C LEU B 304 16.96 2.02 42.23
N ALA B 305 17.93 2.00 43.16
CA ALA B 305 19.34 1.85 42.81
C ALA B 305 19.67 0.46 42.26
N GLU B 306 18.97 -0.56 42.77
CA GLU B 306 19.15 -1.93 42.31
C GLU B 306 18.48 -2.13 40.95
N ASN B 307 17.36 -1.42 40.75
CA ASN B 307 16.66 -1.43 39.47
C ASN B 307 17.49 -0.82 38.34
N ARG B 308 18.34 0.15 38.69
CA ARG B 308 19.28 0.75 37.74
C ARG B 308 20.40 -0.22 37.37
N GLU B 309 20.75 -1.11 38.30
CA GLU B 309 21.79 -2.11 38.07
C GLU B 309 21.34 -3.23 37.14
N ILE B 310 20.04 -3.54 37.17
CA ILE B 310 19.45 -4.57 36.30
C ILE B 310 19.38 -4.07 34.85
N LEU B 311 19.19 -2.77 34.68
CA LEU B 311 19.11 -2.16 33.35
C LEU B 311 20.49 -2.04 32.68
N LYS B 312 21.53 -1.94 33.50
CA LYS B 312 22.90 -1.84 32.99
C LYS B 312 23.47 -3.19 32.55
N GLU B 313 23.19 -4.23 33.35
CA GLU B 313 23.67 -5.58 33.07
C GLU B 313 22.67 -6.34 32.18
N PRO B 314 23.17 -7.00 31.11
CA PRO B 314 22.33 -7.78 30.19
C PRO B 314 21.45 -8.82 30.87
N VAL B 315 20.26 -9.03 30.32
CA VAL B 315 19.27 -9.95 30.89
C VAL B 315 19.46 -11.39 30.39
N HIS B 316 19.18 -12.35 31.26
CA HIS B 316 19.30 -13.78 30.93
C HIS B 316 18.11 -14.26 30.13
N GLY B 317 18.28 -15.41 29.48
CA GLY B 317 17.20 -16.05 28.73
C GLY B 317 17.01 -15.56 27.31
N VAL B 318 17.96 -14.76 26.82
CA VAL B 318 17.91 -14.24 25.46
C VAL B 318 18.93 -14.96 24.58
N TYR B 319 18.42 -15.74 23.64
CA TYR B 319 19.25 -16.54 22.74
C TYR B 319 18.69 -16.60 21.32
N TYR B 320 19.57 -16.66 20.33
CA TYR B 320 19.17 -16.72 18.94
C TYR B 320 18.70 -18.12 18.54
N ASP B 321 17.60 -18.17 17.80
CA ASP B 321 17.03 -19.42 17.32
C ASP B 321 16.89 -19.40 15.79
N PRO B 322 17.63 -20.28 15.10
CA PRO B 322 17.61 -20.36 13.63
C PRO B 322 16.27 -20.80 13.04
N SER B 323 15.50 -21.55 13.81
CA SER B 323 14.20 -22.07 13.35
C SER B 323 13.09 -21.02 13.35
N LYS B 324 13.27 -19.97 14.15
CA LYS B 324 12.27 -18.89 14.25
C LYS B 324 12.67 -17.66 13.43
N ASP B 325 11.65 -16.92 12.98
CA ASP B 325 11.85 -15.70 12.19
C ASP B 325 12.20 -14.50 13.08
N LEU B 326 12.94 -13.55 12.51
CA LEU B 326 13.37 -12.35 13.23
C LEU B 326 12.38 -11.21 13.02
N ILE B 327 12.15 -10.43 14.07
CA ILE B 327 11.21 -9.31 14.04
C ILE B 327 11.92 -8.01 14.48
N ALA B 328 11.63 -6.91 13.78
CA ALA B 328 12.17 -5.60 14.11
C ALA B 328 11.06 -4.55 14.20
N GLU B 329 10.98 -3.87 15.34
CA GLU B 329 9.95 -2.86 15.57
C GLU B 329 10.58 -1.49 15.83
N ILE B 330 10.10 -0.48 15.10
CA ILE B 330 10.62 0.89 15.21
C ILE B 330 9.55 1.84 15.76
N GLN B 331 9.96 2.72 16.68
CA GLN B 331 9.07 3.70 17.27
C GLN B 331 9.53 5.13 16.96
N LYS B 332 8.56 6.02 16.75
CA LYS B 332 8.83 7.44 16.52
C LYS B 332 8.78 8.18 17.85
N GLN B 333 9.87 8.86 18.17
CA GLN B 333 9.98 9.61 19.43
C GLN B 333 9.77 11.11 19.24
N GLY B 334 9.96 11.59 18.02
CA GLY B 334 9.80 13.00 17.70
C GLY B 334 11.10 13.78 17.81
N GLN B 335 11.10 15.00 17.26
CA GLN B 335 12.26 15.90 17.25
C GLN B 335 13.49 15.29 16.55
N GLY B 336 13.23 14.41 15.58
CA GLY B 336 14.29 13.71 14.85
C GLY B 336 14.96 12.64 15.68
N GLN B 337 14.14 11.78 16.30
CA GLN B 337 14.63 10.67 17.12
C GLN B 337 13.80 9.41 16.86
N TRP B 338 14.48 8.30 16.57
CA TRP B 338 13.83 7.02 16.32
C TRP B 338 14.52 5.93 17.09
N THR B 339 13.72 5.10 17.76
CA THR B 339 14.24 3.95 18.51
C THR B 339 13.75 2.62 17.92
N TYR B 340 14.56 1.58 18.07
CA TYR B 340 14.25 0.28 17.46
C TYR B 340 14.59 -0.91 18.38
N GLN B 341 13.89 -2.02 18.17
CA GLN B 341 14.16 -3.27 18.90
C GLN B 341 14.20 -4.46 17.94
N ILE B 342 15.18 -5.34 18.14
CA ILE B 342 15.28 -6.57 17.37
C ILE B 342 15.02 -7.77 18.29
N TYR B 343 13.99 -8.54 17.96
CA TYR B 343 13.58 -9.67 18.79
C TYR B 343 12.96 -10.81 17.97
N GLN B 344 12.92 -12.01 18.56
CA GLN B 344 12.24 -13.15 17.97
C GLN B 344 10.95 -13.43 18.74
N GLU B 345 11.00 -13.20 20.05
CA GLU B 345 9.84 -13.30 20.93
C GLU B 345 9.63 -11.99 21.66
N PRO B 346 8.36 -11.59 21.88
CA PRO B 346 8.03 -10.31 22.55
C PRO B 346 8.70 -10.15 23.93
N PHE B 347 9.13 -8.93 24.21
CA PHE B 347 9.77 -8.55 25.48
C PHE B 347 11.12 -9.24 25.75
N LYS B 348 11.68 -9.85 24.71
CA LYS B 348 12.98 -10.50 24.79
C LYS B 348 13.87 -10.02 23.65
N ASN B 349 14.52 -8.88 23.86
CA ASN B 349 15.31 -8.22 22.82
C ASN B 349 16.74 -8.73 22.73
N LEU B 350 17.16 -9.07 21.52
CA LEU B 350 18.53 -9.50 21.24
C LEU B 350 19.44 -8.29 21.02
N LYS B 351 18.89 -7.26 20.37
CA LYS B 351 19.64 -6.04 20.05
C LYS B 351 18.73 -4.82 20.10
N THR B 352 19.14 -3.81 20.87
CA THR B 352 18.39 -2.55 20.99
C THR B 352 19.27 -1.33 20.71
N GLY B 353 18.63 -0.18 20.58
CA GLY B 353 19.32 1.09 20.33
C GLY B 353 18.40 2.14 19.77
N LYS B 354 18.97 3.26 19.36
CA LYS B 354 18.20 4.36 18.77
C LYS B 354 18.95 5.09 17.64
N TYR B 355 18.31 5.13 16.46
CA TYR B 355 18.83 5.91 15.34
C TYR B 355 18.20 7.29 15.35
N ALA B 356 18.99 8.29 15.76
CA ALA B 356 18.51 9.66 15.88
C ALA B 356 18.14 10.27 14.52
N ARG B 357 19.15 10.75 13.79
CA ARG B 357 18.95 11.43 12.53
C ARG B 357 20.22 11.47 11.69
N MET B 358 20.06 11.43 10.37
CA MET B 358 21.15 11.76 9.46
C MET B 358 21.27 13.29 9.45
N ARG B 359 22.43 13.77 9.88
CA ARG B 359 22.62 15.16 10.32
C ARG B 359 22.19 16.28 9.37
N GLY B 360 21.37 17.19 9.91
CA GLY B 360 21.06 18.48 9.29
C GLY B 360 20.22 18.49 8.03
N ALA B 361 20.87 18.86 6.92
CA ALA B 361 20.26 19.05 5.59
C ALA B 361 18.73 18.95 5.46
N HIS B 362 18.32 17.98 4.65
CA HIS B 362 16.95 17.71 4.24
C HIS B 362 16.49 16.36 4.77
N THR B 363 15.71 16.30 5.84
CA THR B 363 15.22 15.01 6.33
C THR B 363 13.76 15.10 6.76
N ASN B 364 12.99 14.08 6.41
CA ASN B 364 11.59 13.96 6.79
C ASN B 364 11.30 12.67 7.55
N ASP B 365 10.02 12.43 7.86
CA ASP B 365 9.61 11.24 8.60
C ASP B 365 9.81 9.95 7.83
N VAL B 366 9.71 10.01 6.50
CA VAL B 366 9.91 8.86 5.63
C VAL B 366 11.41 8.57 5.45
N LYS B 367 12.19 9.61 5.16
CA LYS B 367 13.63 9.48 4.90
C LYS B 367 14.38 8.91 6.12
N GLN B 368 14.06 9.43 7.30
CA GLN B 368 14.69 8.99 8.55
C GLN B 368 14.34 7.54 8.88
N LEU B 369 13.15 7.11 8.49
CA LEU B 369 12.70 5.73 8.67
C LEU B 369 13.36 4.81 7.63
N THR B 370 13.48 5.30 6.39
CA THR B 370 14.10 4.57 5.30
C THR B 370 15.60 4.34 5.56
N GLU B 371 16.26 5.35 6.11
CA GLU B 371 17.67 5.26 6.50
C GLU B 371 17.88 4.31 7.67
N ALA B 372 16.87 4.22 8.54
CA ALA B 372 16.92 3.33 9.70
C ALA B 372 16.73 1.87 9.31
N VAL B 373 15.71 1.60 8.49
CA VAL B 373 15.41 0.23 8.02
C VAL B 373 16.62 -0.41 7.33
N GLN B 374 17.24 0.34 6.42
CA GLN B 374 18.43 -0.14 5.70
C GLN B 374 19.62 -0.41 6.64
N LYS B 375 19.76 0.43 7.66
CA LYS B 375 20.83 0.28 8.65
C LYS B 375 20.60 -0.91 9.58
N ILE B 376 19.34 -1.15 9.94
CA ILE B 376 18.97 -2.30 10.78
C ILE B 376 19.12 -3.60 10.01
N THR B 377 18.73 -3.59 8.73
CA THR B 377 18.85 -4.76 7.85
C THR B 377 20.31 -5.18 7.65
N THR B 378 21.18 -4.20 7.45
CA THR B 378 22.62 -4.44 7.26
C THR B 378 23.26 -5.05 8.51
N GLU B 379 22.83 -4.58 9.68
CA GLU B 379 23.29 -5.11 10.97
C GLU B 379 22.82 -6.55 11.19
N SER B 380 21.63 -6.87 10.67
CA SER B 380 21.03 -8.19 10.81
C SER B 380 21.74 -9.26 9.99
N ILE B 381 22.31 -8.85 8.85
CA ILE B 381 23.02 -9.77 7.96
C ILE B 381 24.41 -10.13 8.49
N VAL B 382 25.07 -9.15 9.13
CA VAL B 382 26.41 -9.36 9.69
C VAL B 382 26.39 -10.32 10.89
N ILE B 383 25.43 -10.10 11.80
CA ILE B 383 25.34 -10.89 13.02
C ILE B 383 24.70 -12.27 12.79
N TRP B 384 23.59 -12.30 12.04
CA TRP B 384 22.82 -13.53 11.85
C TRP B 384 22.77 -14.02 10.44
N GLY B 385 22.54 -13.11 9.50
CA GLY B 385 22.46 -13.47 8.08
C GLY B 385 21.04 -13.63 7.55
N LYS B 386 20.08 -13.06 8.28
CA LYS B 386 18.67 -13.09 7.88
C LYS B 386 18.02 -11.72 8.00
N THR B 387 17.11 -11.42 7.08
CA THR B 387 16.36 -10.17 7.09
C THR B 387 15.15 -10.25 8.02
N PRO B 388 14.99 -9.27 8.93
CA PRO B 388 13.90 -9.29 9.91
C PRO B 388 12.58 -8.75 9.38
N LYS B 389 11.48 -9.16 10.01
CA LYS B 389 10.15 -8.62 9.73
C LYS B 389 10.01 -7.25 10.36
N PHE B 390 9.81 -6.24 9.51
CA PHE B 390 9.75 -4.84 9.98
C PHE B 390 8.35 -4.39 10.37
N LYS B 391 8.22 -3.92 11.61
CA LYS B 391 6.98 -3.32 12.11
C LYS B 391 7.12 -1.80 12.05
N LEU B 392 6.36 -1.19 11.15
CA LEU B 392 6.48 0.24 10.87
C LEU B 392 5.29 1.05 11.38
N PRO B 393 5.57 2.21 12.00
CA PRO B 393 4.51 3.12 12.45
C PRO B 393 4.10 4.10 11.35
N ILE B 394 3.65 3.56 10.22
CA ILE B 394 3.25 4.34 9.05
C ILE B 394 2.13 3.62 8.29
N GLN B 395 1.31 4.38 7.57
CA GLN B 395 0.25 3.81 6.74
C GLN B 395 0.82 3.12 5.50
N LYS B 396 0.10 2.12 4.99
CA LYS B 396 0.54 1.33 3.84
C LYS B 396 0.64 2.16 2.56
N GLU B 397 -0.37 3.00 2.32
CA GLU B 397 -0.43 3.84 1.13
C GLU B 397 0.63 4.94 1.14
N THR B 398 0.95 5.44 2.33
CA THR B 398 1.95 6.50 2.52
C THR B 398 3.37 5.96 2.28
N TRP B 399 3.63 4.75 2.76
CA TRP B 399 4.95 4.13 2.66
C TRP B 399 5.27 3.65 1.27
N GLU B 400 4.32 2.99 0.63
CA GLU B 400 4.52 2.38 -0.69
C GLU B 400 4.74 3.39 -1.83
N THR B 401 4.46 4.66 -1.55
CA THR B 401 4.60 5.72 -2.56
C THR B 401 5.97 6.42 -2.49
N TRP B 402 6.49 6.59 -1.28
CA TRP B 402 7.68 7.43 -1.05
C TRP B 402 8.93 6.70 -0.66
N TRP B 403 8.85 5.38 -0.48
CA TRP B 403 9.99 4.59 -0.02
C TRP B 403 11.05 4.41 -1.08
N THR B 404 10.65 4.46 -2.35
CA THR B 404 11.57 4.25 -3.48
C THR B 404 12.52 5.41 -3.72
N GLU B 405 12.16 6.59 -3.20
CA GLU B 405 12.93 7.82 -3.40
C GLU B 405 14.29 7.79 -2.70
N TYR B 406 14.33 7.25 -1.48
CA TYR B 406 15.54 7.24 -0.67
C TYR B 406 16.14 5.84 -0.52
N TRP B 407 15.60 4.88 -1.26
CA TRP B 407 16.05 3.49 -1.22
C TRP B 407 17.23 3.27 -2.12
N GLN B 408 18.21 2.49 -1.65
CA GLN B 408 19.43 2.23 -2.42
C GLN B 408 19.75 0.73 -2.54
N ALA B 409 19.59 0.00 -1.43
CA ALA B 409 19.93 -1.42 -1.37
C ALA B 409 19.03 -2.29 -2.24
N THR B 410 19.60 -3.36 -2.78
CA THR B 410 18.85 -4.29 -3.64
C THR B 410 17.95 -5.25 -2.86
N TRP B 411 18.23 -5.47 -1.60
CA TRP B 411 17.37 -6.37 -0.91
C TRP B 411 16.04 -5.70 -0.64
N VAL B 412 15.09 -6.52 -0.29
CA VAL B 412 13.74 -6.06 0.05
C VAL B 412 13.23 -6.81 1.29
N PRO B 413 13.25 -6.15 2.46
CA PRO B 413 12.79 -6.75 3.71
C PRO B 413 11.27 -6.85 3.76
N GLU B 414 10.77 -7.93 4.33
CA GLU B 414 9.33 -8.15 4.48
C GLU B 414 8.81 -7.29 5.63
N TRP B 415 7.88 -6.39 5.31
CA TRP B 415 7.38 -5.42 6.30
C TRP B 415 5.90 -5.50 6.55
N GLU B 416 5.50 -5.04 7.73
CA GLU B 416 4.09 -4.91 8.10
C GLU B 416 3.86 -3.56 8.81
N PHE B 417 2.60 -3.11 8.81
CA PHE B 417 2.26 -1.79 9.35
C PHE B 417 1.32 -1.92 10.56
N VAL B 418 1.80 -1.49 11.72
CA VAL B 418 1.07 -1.65 12.98
C VAL B 418 0.98 -0.38 13.82
N ASN B 419 0.24 -0.47 14.93
CA ASN B 419 0.05 0.63 15.87
C ASN B 419 1.11 0.63 16.98
N THR B 420 1.53 1.83 17.38
CA THR B 420 2.52 2.00 18.44
C THR B 420 1.83 2.36 19.77
N PRO B 421 1.98 1.49 20.79
CA PRO B 421 1.49 1.74 22.15
C PRO B 421 2.20 2.92 22.82
N PRO B 422 1.52 3.60 23.76
CA PRO B 422 2.10 4.75 24.46
C PRO B 422 3.21 4.36 25.44
N LEU B 423 3.10 3.18 26.05
CA LEU B 423 4.05 2.72 27.06
C LEU B 423 5.41 2.32 26.48
N VAL B 424 5.41 1.71 25.30
CA VAL B 424 6.63 1.29 24.63
C VAL B 424 7.41 2.49 24.06
N LYS B 425 6.68 3.57 23.76
CA LYS B 425 7.26 4.80 23.22
C LYS B 425 7.98 5.58 24.33
N LEU B 426 7.39 5.60 25.52
CA LEU B 426 7.93 6.36 26.65
C LEU B 426 9.07 5.64 27.38
N TRP B 427 9.19 4.33 27.14
CA TRP B 427 10.22 3.51 27.81
C TRP B 427 11.55 3.60 27.13
N TYR B 428 11.56 3.47 25.81
CA TYR B 428 12.81 3.40 25.04
C TYR B 428 13.45 4.76 24.72
N GLN B 429 12.84 5.85 25.20
CA GLN B 429 13.44 7.18 25.07
C GLN B 429 14.41 7.47 26.20
N LEU B 430 14.31 6.68 27.28
CA LEU B 430 15.24 6.77 28.40
C LEU B 430 16.57 6.05 28.10
N GLU B 431 16.62 5.39 26.95
CA GLU B 431 17.82 4.71 26.47
C GLU B 431 18.86 5.74 26.02
N LYS B 432 20.10 5.55 26.46
CA LYS B 432 21.20 6.45 26.14
C LYS B 432 21.65 6.32 24.70
#